data_6S6W
#
_entry.id   6S6W
#
_cell.length_a   81.557
_cell.length_b   89.357
_cell.length_c   159.037
_cell.angle_alpha   90.000
_cell.angle_beta   90.000
_cell.angle_gamma   90.000
#
_symmetry.space_group_name_H-M   'P 21 2 21'
#
loop_
_entity.id
_entity.type
_entity.pdbx_description
1 polymer 'Aldehyde dehydrogenase family 1 member A3'
2 non-polymer NICOTINAMIDE-ADENINE-DINUCLEOTIDE
3 non-polymer GLYCEROL
4 non-polymer 2,6-diphenylimidazo[1,2-a]pyridine
5 water water
#
_entity_poly.entity_id   1
_entity_poly.type   'polypeptide(L)'
_entity_poly.pdbx_seq_one_letter_code
;LPRPIRNLEVKFTKIFINNEWHESKSGKKFATCNPSTREQICEVEEGDKPDVDKAVEAAQVAFQRGSPWRRLDALSRGRL
LHQLADLVERDRATLAALETMDTGKPFLHAFFIDLEGCIRTLRYFAGWADKIQGKTIPTDDNVVCFTRHEPIGVCGAITP
WNFPLLMLVWKLAPALCCGNTMVLKPAEQTPLTALYLGSLIKEAGFPPGVVNIVPGFGPTVGAAISSHPQINKIAFTGST
EVGKLVKEAASRSNLKRVTLELGGKNPCIVCADADLDLAVECAHQGVFFNQGQCCTAASRVFVEEQVYSEFVRRSVEYAK
KRPVGDPFDVKTEQGPQIDQKQFDKILELIESGKKEGAKLECGGSAMEDKGLFIKPTVFSEVTDNMRIAKEEIFGPVQPI
LKFKSIEEVIKRANSTDYGLTAAVFTKNLDKALKLASALESGTVWINCYNALYAQAPFGGFKMSGNGRELGEYALAEYTE
VKTVTIKLG
;
_entity_poly.pdbx_strand_id   A,B
#
loop_
_chem_comp.id
_chem_comp.type
_chem_comp.name
_chem_comp.formula
GOL non-polymer GLYCEROL 'C3 H8 O3'
KXT non-polymer 2,6-diphenylimidazo[1,2-a]pyridine 'C19 H14 N2'
NAD non-polymer NICOTINAMIDE-ADENINE-DINUCLEOTIDE 'C21 H27 N7 O14 P2'
#
# COMPACT_ATOMS: atom_id res chain seq x y z
N PRO A 4 22.97 1.15 -37.60
CA PRO A 4 23.15 0.40 -36.36
C PRO A 4 24.61 0.08 -36.06
N ILE A 5 24.87 -0.53 -34.91
CA ILE A 5 26.20 -0.97 -34.53
C ILE A 5 26.27 -2.48 -34.73
N ARG A 6 27.24 -2.93 -35.52
CA ARG A 6 27.25 -4.31 -36.01
C ARG A 6 27.86 -5.30 -35.01
N ASN A 7 29.13 -5.14 -34.70
CA ASN A 7 29.82 -6.01 -33.74
C ASN A 7 30.19 -5.14 -32.55
N LEU A 8 29.19 -4.83 -31.74
CA LEU A 8 29.35 -3.95 -30.59
C LEU A 8 29.70 -4.78 -29.37
N GLU A 9 30.84 -4.50 -28.76
CA GLU A 9 31.33 -5.28 -27.64
C GLU A 9 30.54 -4.97 -26.37
N VAL A 10 30.71 -5.84 -25.38
CA VAL A 10 30.07 -5.69 -24.07
C VAL A 10 31.17 -5.52 -23.04
N LYS A 11 31.10 -4.43 -22.27
CA LYS A 11 32.15 -4.07 -21.33
C LYS A 11 31.81 -4.39 -19.89
N PHE A 12 30.54 -4.33 -19.51
CA PHE A 12 30.11 -4.51 -18.13
C PHE A 12 29.26 -5.76 -18.01
N THR A 13 29.57 -6.57 -17.01
CA THR A 13 28.85 -7.81 -16.77
C THR A 13 28.70 -8.14 -15.29
N LYS A 14 29.18 -7.30 -14.40
CA LYS A 14 29.44 -7.66 -13.01
C LYS A 14 28.40 -7.05 -12.07
N ILE A 15 28.42 -7.55 -10.83
CA ILE A 15 27.65 -6.92 -9.77
C ILE A 15 28.18 -5.52 -9.52
N PHE A 16 27.26 -4.56 -9.45
CA PHE A 16 27.63 -3.15 -9.28
C PHE A 16 27.23 -2.71 -7.88
N ILE A 17 28.23 -2.40 -7.05
CA ILE A 17 28.02 -2.00 -5.66
C ILE A 17 29.02 -0.91 -5.31
N ASN A 18 28.53 0.19 -4.74
CA ASN A 18 29.37 1.33 -4.36
C ASN A 18 30.21 1.81 -5.55
N ASN A 19 29.63 1.74 -6.74
CA ASN A 19 30.28 2.20 -7.97
C ASN A 19 31.53 1.39 -8.30
N GLU A 20 31.67 0.20 -7.72
CA GLU A 20 32.75 -0.72 -8.04
C GLU A 20 32.17 -2.03 -8.59
N TRP A 21 32.83 -2.58 -9.59
CA TRP A 21 32.37 -3.82 -10.20
C TRP A 21 32.89 -5.02 -9.42
N HIS A 22 32.01 -5.97 -9.14
CA HIS A 22 32.29 -7.04 -8.21
C HIS A 22 32.02 -8.40 -8.84
N GLU A 23 32.77 -9.40 -8.41
CA GLU A 23 32.54 -10.78 -8.78
C GLU A 23 31.67 -11.44 -7.72
N SER A 24 30.68 -12.22 -8.17
CA SER A 24 29.77 -12.89 -7.27
C SER A 24 30.55 -13.68 -6.21
N LYS A 25 30.22 -13.46 -4.95
CA LYS A 25 30.77 -14.29 -3.89
C LYS A 25 30.56 -15.76 -4.17
N SER A 26 29.49 -16.09 -4.91
CA SER A 26 29.32 -17.44 -5.43
C SER A 26 30.44 -17.81 -6.38
N GLY A 27 31.05 -16.81 -7.02
CA GLY A 27 32.01 -17.05 -8.09
C GLY A 27 31.40 -17.58 -9.37
N LYS A 28 30.08 -17.78 -9.40
CA LYS A 28 29.39 -18.35 -10.54
C LYS A 28 29.02 -17.28 -11.56
N LYS A 29 28.58 -17.73 -12.73
CA LYS A 29 28.18 -16.83 -13.80
C LYS A 29 27.11 -17.52 -14.65
N PHE A 30 26.21 -16.72 -15.20
CA PHE A 30 25.24 -17.18 -16.18
C PHE A 30 25.47 -16.42 -17.48
N ALA A 31 25.02 -17.02 -18.59
CA ALA A 31 25.31 -16.52 -19.93
C ALA A 31 24.00 -16.11 -20.59
N THR A 32 23.76 -14.81 -20.70
CA THR A 32 22.63 -14.31 -21.46
C THR A 32 22.86 -14.53 -22.95
N CYS A 33 21.87 -15.10 -23.63
CA CYS A 33 21.98 -15.43 -25.04
C CYS A 33 21.19 -14.45 -25.88
N ASN A 34 21.49 -14.45 -27.19
CA ASN A 34 20.83 -13.56 -28.14
C ASN A 34 19.54 -14.20 -28.63
N PRO A 35 18.37 -13.72 -28.17
CA PRO A 35 17.11 -14.38 -28.53
C PRO A 35 16.84 -14.43 -30.03
N SER A 36 17.43 -13.53 -30.81
CA SER A 36 17.09 -13.42 -32.22
C SER A 36 17.87 -14.46 -33.03
N THR A 37 19.20 -14.39 -32.96
CA THR A 37 20.09 -15.43 -33.47
C THR A 37 20.50 -16.32 -32.32
N ARG A 38 19.86 -17.48 -32.16
CA ARG A 38 20.11 -18.27 -30.97
C ARG A 38 21.60 -18.57 -30.91
N GLU A 39 22.27 -17.89 -29.99
CA GLU A 39 23.71 -17.85 -29.79
C GLU A 39 23.92 -17.01 -28.53
N GLN A 40 25.14 -17.04 -28.01
CA GLN A 40 25.43 -16.43 -26.73
C GLN A 40 26.14 -15.09 -26.88
N ILE A 41 25.99 -14.25 -25.87
CA ILE A 41 26.50 -12.89 -25.86
C ILE A 41 27.70 -12.75 -24.91
N CYS A 42 27.53 -13.17 -23.66
CA CYS A 42 28.59 -13.18 -22.66
C CYS A 42 28.01 -13.79 -21.38
N GLU A 43 28.90 -14.14 -20.46
CA GLU A 43 28.51 -14.58 -19.12
C GLU A 43 28.53 -13.39 -18.18
N VAL A 44 27.66 -13.46 -17.17
CA VAL A 44 27.40 -12.36 -16.26
C VAL A 44 27.45 -12.90 -14.83
N GLU A 45 28.25 -12.27 -13.98
CA GLU A 45 28.37 -12.67 -12.57
C GLU A 45 27.00 -12.96 -11.98
N GLU A 46 26.76 -14.22 -11.61
CA GLU A 46 25.49 -14.61 -11.02
C GLU A 46 25.49 -14.28 -9.53
N GLY A 47 24.75 -13.25 -9.14
CA GLY A 47 24.65 -12.89 -7.75
C GLY A 47 23.74 -13.83 -6.96
N ASP A 48 23.79 -13.68 -5.65
CA ASP A 48 23.00 -14.53 -4.76
C ASP A 48 22.88 -13.80 -3.42
N LYS A 49 22.33 -14.49 -2.42
CA LYS A 49 22.12 -13.86 -1.12
C LYS A 49 23.35 -13.14 -0.62
N PRO A 50 24.55 -13.72 -0.63
CA PRO A 50 25.74 -12.97 -0.18
C PRO A 50 25.94 -11.68 -0.95
N ASP A 51 25.73 -11.71 -2.27
CA ASP A 51 25.89 -10.50 -3.08
C ASP A 51 24.82 -9.48 -2.73
N VAL A 52 23.56 -9.91 -2.70
CA VAL A 52 22.48 -9.03 -2.24
C VAL A 52 22.78 -8.50 -0.85
N ASP A 53 23.29 -9.37 0.03
CA ASP A 53 23.63 -8.95 1.39
C ASP A 53 24.56 -7.74 1.37
N LYS A 54 25.41 -7.62 0.36
CA LYS A 54 26.33 -6.48 0.27
C LYS A 54 25.61 -5.24 -0.22
N ALA A 55 25.09 -5.28 -1.45
CA ALA A 55 24.46 -4.10 -2.04
C ALA A 55 23.45 -3.47 -1.08
N VAL A 56 22.64 -4.30 -0.42
CA VAL A 56 21.67 -3.78 0.55
C VAL A 56 22.39 -2.96 1.61
N GLU A 57 23.34 -3.60 2.33
CA GLU A 57 24.10 -2.89 3.34
C GLU A 57 24.85 -1.70 2.73
N ALA A 58 25.24 -1.81 1.46
CA ALA A 58 25.83 -0.67 0.78
C ALA A 58 24.83 0.47 0.65
N ALA A 59 23.63 0.17 0.15
CA ALA A 59 22.60 1.20 0.04
C ALA A 59 22.28 1.79 1.40
N GLN A 60 22.20 0.95 2.43
CA GLN A 60 21.94 1.46 3.78
C GLN A 60 22.96 2.51 4.19
N VAL A 61 24.25 2.23 3.94
CA VAL A 61 25.29 3.18 4.29
C VAL A 61 25.09 4.49 3.53
N ALA A 62 24.92 4.40 2.21
CA ALA A 62 24.78 5.59 1.37
C ALA A 62 23.47 6.31 1.65
N PHE A 63 22.63 5.74 2.53
CA PHE A 63 21.35 6.33 2.87
C PHE A 63 21.28 6.90 4.27
N GLN A 64 22.18 6.50 5.18
CA GLN A 64 22.11 7.00 6.54
C GLN A 64 22.39 8.50 6.58
N ARG A 65 21.97 9.13 7.69
CA ARG A 65 22.10 10.57 7.84
C ARG A 65 23.55 11.01 7.67
N GLY A 66 23.73 12.19 7.10
CA GLY A 66 25.05 12.73 6.85
C GLY A 66 25.72 12.23 5.59
N SER A 67 25.23 11.14 5.02
CA SER A 67 25.82 10.63 3.78
C SER A 67 25.72 11.70 2.69
N PRO A 68 26.72 11.80 1.81
CA PRO A 68 26.63 12.79 0.71
C PRO A 68 25.31 12.75 -0.02
N TRP A 69 24.65 11.60 -0.08
CA TRP A 69 23.36 11.50 -0.74
C TRP A 69 22.27 12.19 0.07
N ARG A 70 22.17 11.87 1.36
CA ARG A 70 21.10 12.42 2.19
C ARG A 70 21.17 13.93 2.28
N ARG A 71 22.35 14.51 2.17
CA ARG A 71 22.58 15.91 2.48
C ARG A 71 22.49 16.83 1.27
N LEU A 72 22.18 16.31 0.09
CA LEU A 72 22.10 17.15 -1.09
C LEU A 72 20.84 18.01 -1.06
N ASP A 73 20.95 19.23 -1.58
CA ASP A 73 19.77 20.03 -1.84
C ASP A 73 18.87 19.29 -2.83
N ALA A 74 17.56 19.42 -2.64
CA ALA A 74 16.62 18.72 -3.52
C ALA A 74 16.95 18.96 -4.98
N LEU A 75 17.24 20.21 -5.34
CA LEU A 75 17.60 20.52 -6.74
C LEU A 75 18.91 19.84 -7.12
N SER A 76 19.85 19.75 -6.18
CA SER A 76 21.07 18.99 -6.44
C SER A 76 20.72 17.54 -6.77
N ARG A 77 19.83 16.94 -5.99
CA ARG A 77 19.35 15.59 -6.30
C ARG A 77 18.76 15.52 -7.71
N GLY A 78 17.97 16.52 -8.08
CA GLY A 78 17.37 16.51 -9.40
C GLY A 78 18.38 16.76 -10.51
N ARG A 79 19.35 17.63 -10.26
CA ARG A 79 20.37 17.91 -11.27
C ARG A 79 21.07 16.64 -11.72
N LEU A 80 21.36 15.74 -10.77
CA LEU A 80 22.00 14.48 -11.12
C LEU A 80 21.14 13.68 -12.10
N LEU A 81 19.87 13.49 -11.75
CA LEU A 81 18.95 12.77 -12.65
C LEU A 81 18.96 13.41 -14.04
N HIS A 82 19.08 14.74 -14.10
CA HIS A 82 19.21 15.40 -15.40
C HIS A 82 20.56 15.09 -16.03
N GLN A 83 21.59 14.83 -15.21
CA GLN A 83 22.89 14.47 -15.75
C GLN A 83 22.88 13.06 -16.32
N LEU A 84 22.38 12.10 -15.55
CA LEU A 84 22.30 10.72 -16.02
C LEU A 84 21.46 10.62 -17.29
N ALA A 85 20.26 11.20 -17.27
CA ALA A 85 19.41 11.19 -18.46
C ALA A 85 20.13 11.77 -19.65
N ASP A 86 21.08 12.69 -19.42
CA ASP A 86 21.91 13.20 -20.52
C ASP A 86 22.84 12.11 -21.04
N LEU A 87 23.56 11.44 -20.14
CA LEU A 87 24.46 10.36 -20.54
C LEU A 87 23.70 9.30 -21.34
N VAL A 88 22.55 8.86 -20.81
CA VAL A 88 21.70 7.95 -21.57
C VAL A 88 21.33 8.57 -22.90
N GLU A 89 21.04 9.86 -22.92
CA GLU A 89 20.83 10.58 -24.17
C GLU A 89 22.05 10.46 -25.08
N ARG A 90 23.24 10.62 -24.51
CA ARG A 90 24.50 10.48 -25.24
C ARG A 90 24.95 9.12 -25.75
N ASP A 91 24.89 8.15 -24.86
CA ASP A 91 25.01 6.74 -25.21
C ASP A 91 23.56 6.32 -25.41
N ARG A 92 23.07 6.41 -26.65
CA ARG A 92 21.68 5.99 -26.83
C ARG A 92 21.69 4.78 -27.73
N ALA A 93 22.41 4.90 -28.85
CA ALA A 93 22.62 3.79 -29.77
C ALA A 93 23.22 2.57 -29.09
N THR A 94 24.20 2.78 -28.20
CA THR A 94 24.79 1.65 -27.49
C THR A 94 23.72 0.88 -26.73
N LEU A 95 22.76 1.58 -26.12
CA LEU A 95 21.74 0.90 -25.32
C LEU A 95 20.73 0.19 -26.21
N ALA A 96 20.19 0.91 -27.21
CA ALA A 96 19.32 0.25 -28.18
C ALA A 96 20.01 -0.95 -28.81
N ALA A 97 21.33 -0.85 -29.01
CA ALA A 97 22.09 -1.99 -29.50
C ALA A 97 22.02 -3.15 -28.53
N LEU A 98 22.41 -2.93 -27.27
CA LEU A 98 22.34 -3.98 -26.26
C LEU A 98 20.91 -4.48 -26.10
N GLU A 99 19.95 -3.55 -25.98
CA GLU A 99 18.55 -3.95 -25.84
C GLU A 99 18.13 -4.88 -26.96
N THR A 100 18.62 -4.64 -28.17
CA THR A 100 18.34 -5.54 -29.28
C THR A 100 19.20 -6.80 -29.18
N MET A 101 20.51 -6.64 -28.96
CA MET A 101 21.39 -7.79 -28.80
C MET A 101 20.91 -8.70 -27.67
N ASP A 102 20.18 -8.15 -26.70
CA ASP A 102 19.80 -8.89 -25.50
C ASP A 102 18.36 -9.40 -25.52
N THR A 103 17.48 -8.77 -26.31
CA THR A 103 16.08 -9.18 -26.36
C THR A 103 15.57 -9.47 -27.76
N GLY A 104 16.33 -9.17 -28.80
CA GLY A 104 15.84 -9.37 -30.16
C GLY A 104 14.73 -8.42 -30.54
N LYS A 105 14.81 -7.17 -30.11
CA LYS A 105 13.79 -6.19 -30.47
C LYS A 105 14.28 -5.32 -31.62
N PRO A 106 13.38 -4.90 -32.50
CA PRO A 106 13.79 -4.00 -33.59
C PRO A 106 14.63 -2.84 -33.10
N PHE A 107 15.86 -2.73 -33.60
CA PHE A 107 16.77 -1.70 -33.13
C PHE A 107 16.15 -0.31 -33.15
N LEU A 108 15.12 -0.10 -33.98
CA LEU A 108 14.39 1.16 -33.96
C LEU A 108 13.46 1.23 -32.77
N HIS A 109 12.61 0.23 -32.58
CA HIS A 109 11.77 0.16 -31.39
C HIS A 109 12.59 0.37 -30.13
N ALA A 110 13.80 -0.20 -30.10
CA ALA A 110 14.67 -0.03 -28.93
C ALA A 110 15.20 1.40 -28.86
N PHE A 111 15.55 2.00 -30.01
CA PHE A 111 16.17 3.31 -29.99
C PHE A 111 15.14 4.43 -29.79
N PHE A 112 13.98 4.33 -30.43
CA PHE A 112 13.03 5.44 -30.44
C PHE A 112 11.90 5.29 -29.43
N ILE A 113 11.67 4.09 -28.90
CA ILE A 113 10.66 3.92 -27.86
C ILE A 113 11.33 3.71 -26.52
N ASP A 114 11.93 2.54 -26.32
CA ASP A 114 12.56 2.19 -25.05
C ASP A 114 13.39 3.33 -24.50
N LEU A 115 14.39 3.77 -25.27
CA LEU A 115 15.32 4.78 -24.78
C LEU A 115 14.64 6.14 -24.66
N GLU A 116 13.77 6.49 -25.61
CA GLU A 116 13.05 7.75 -25.51
C GLU A 116 12.21 7.79 -24.23
N GLY A 117 11.48 6.70 -23.95
CA GLY A 117 10.78 6.61 -22.69
C GLY A 117 11.72 6.67 -21.50
N CYS A 118 12.87 5.99 -21.60
CA CYS A 118 13.87 6.07 -20.54
C CYS A 118 14.36 7.50 -20.37
N ILE A 119 14.59 8.20 -21.47
CA ILE A 119 15.10 9.57 -21.40
C ILE A 119 14.02 10.51 -20.86
N ARG A 120 12.82 10.45 -21.44
CA ARG A 120 11.74 11.32 -20.99
C ARG A 120 11.37 11.04 -19.54
N THR A 121 11.26 9.76 -19.17
CA THR A 121 10.89 9.41 -17.81
C THR A 121 11.92 9.94 -16.81
N LEU A 122 13.19 9.92 -17.18
CA LEU A 122 14.23 10.44 -16.29
C LEU A 122 14.06 11.94 -16.07
N ARG A 123 13.91 12.70 -17.17
CA ARG A 123 13.79 14.15 -17.05
C ARG A 123 12.55 14.55 -16.27
N TYR A 124 11.44 13.84 -16.47
CA TYR A 124 10.20 14.20 -15.80
C TYR A 124 10.37 14.20 -14.28
N PHE A 125 11.10 13.23 -13.75
CA PHE A 125 11.28 13.12 -12.31
C PHE A 125 12.42 13.99 -11.79
N ALA A 126 13.34 14.40 -12.65
CA ALA A 126 14.32 15.41 -12.24
C ALA A 126 13.63 16.70 -11.83
N GLY A 127 12.43 16.96 -12.37
CA GLY A 127 11.71 18.16 -11.99
C GLY A 127 10.95 18.03 -10.69
N TRP A 128 10.56 16.81 -10.32
CA TRP A 128 9.82 16.60 -9.08
C TRP A 128 10.72 16.65 -7.84
N ALA A 129 12.04 16.64 -8.01
CA ALA A 129 12.94 16.55 -6.86
C ALA A 129 12.64 17.62 -5.82
N ASP A 130 12.65 18.89 -6.24
CA ASP A 130 12.42 20.01 -5.33
C ASP A 130 10.96 20.45 -5.30
N LYS A 131 10.03 19.60 -5.75
CA LYS A 131 8.61 19.93 -5.77
C LYS A 131 7.80 18.84 -5.06
N ILE A 132 8.42 18.13 -4.14
CA ILE A 132 7.75 17.15 -3.30
C ILE A 132 7.37 17.85 -2.00
N GLN A 133 6.10 18.24 -1.89
CA GLN A 133 5.64 19.07 -0.78
C GLN A 133 4.62 18.32 0.05
N GLY A 134 4.75 18.45 1.38
CA GLY A 134 3.78 17.91 2.31
C GLY A 134 2.63 18.87 2.53
N LYS A 135 2.13 18.89 3.77
CA LYS A 135 1.01 19.75 4.12
C LYS A 135 1.30 20.49 5.42
N THR A 136 0.67 21.65 5.56
CA THR A 136 0.53 22.34 6.84
C THR A 136 -0.95 22.28 7.22
N ILE A 137 -1.25 21.57 8.30
CA ILE A 137 -2.61 21.18 8.60
C ILE A 137 -3.21 22.07 9.69
N PRO A 138 -4.45 22.54 9.55
CA PRO A 138 -5.10 23.30 10.62
C PRO A 138 -5.73 22.36 11.65
N THR A 139 -5.35 22.54 12.91
CA THR A 139 -5.73 21.59 13.96
C THR A 139 -6.38 22.27 15.16
N ASP A 140 -5.65 23.15 15.82
CA ASP A 140 -6.19 23.97 16.91
C ASP A 140 -5.62 25.37 16.75
N ASP A 141 -5.72 26.18 17.79
CA ASP A 141 -5.11 27.50 17.73
C ASP A 141 -3.65 27.49 18.18
N ASN A 142 -3.37 26.80 19.30
CA ASN A 142 -2.03 26.75 19.86
C ASN A 142 -1.22 25.55 19.38
N VAL A 143 -1.63 24.92 18.28
CA VAL A 143 -0.97 23.72 17.78
C VAL A 143 -0.48 23.99 16.37
N VAL A 144 0.77 23.62 16.11
CA VAL A 144 1.33 23.59 14.77
C VAL A 144 1.37 22.13 14.32
N CYS A 145 0.75 21.84 13.19
CA CYS A 145 0.70 20.49 12.65
C CYS A 145 1.06 20.53 11.16
N PHE A 146 1.80 19.52 10.71
CA PHE A 146 2.24 19.46 9.34
C PHE A 146 2.86 18.08 9.09
N THR A 147 3.01 17.75 7.81
CA THR A 147 3.51 16.45 7.40
C THR A 147 4.67 16.62 6.43
N ARG A 148 5.71 15.82 6.62
CA ARG A 148 6.84 15.74 5.72
C ARG A 148 6.77 14.43 4.93
N HIS A 149 7.22 14.48 3.68
CA HIS A 149 7.20 13.33 2.79
C HIS A 149 8.63 12.82 2.65
N GLU A 150 9.11 12.13 3.69
CA GLU A 150 10.46 11.65 3.71
C GLU A 150 10.63 10.45 2.78
N PRO A 151 11.85 10.18 2.35
CA PRO A 151 12.11 8.98 1.56
C PRO A 151 12.02 7.72 2.42
N ILE A 152 11.56 6.64 1.80
CA ILE A 152 11.37 5.38 2.52
C ILE A 152 12.71 4.81 2.95
N GLY A 153 13.66 4.72 2.01
CA GLY A 153 14.95 4.14 2.31
C GLY A 153 15.43 3.22 1.21
N VAL A 154 16.07 2.11 1.58
CA VAL A 154 16.56 1.16 0.59
C VAL A 154 15.37 0.58 -0.16
N CYS A 155 15.35 0.80 -1.48
CA CYS A 155 14.25 0.36 -2.33
C CYS A 155 14.72 -0.78 -3.22
N GLY A 156 13.91 -1.84 -3.31
CA GLY A 156 14.21 -2.98 -4.15
C GLY A 156 13.38 -2.94 -5.43
N ALA A 157 14.08 -3.01 -6.56
CA ALA A 157 13.44 -2.99 -7.88
C ALA A 157 13.76 -4.28 -8.61
N ILE A 158 12.72 -4.91 -9.17
CA ILE A 158 12.86 -6.16 -9.90
C ILE A 158 12.08 -6.04 -11.20
N THR A 159 12.79 -6.13 -12.33
CA THR A 159 12.23 -5.82 -13.64
C THR A 159 12.04 -7.08 -14.48
N PRO A 160 11.25 -6.99 -15.53
CA PRO A 160 11.13 -8.11 -16.46
C PRO A 160 11.90 -7.85 -17.74
N TRP A 161 11.91 -8.83 -18.64
CA TRP A 161 12.55 -8.72 -19.94
C TRP A 161 11.68 -8.08 -21.02
N ASN A 162 10.46 -7.65 -20.70
CA ASN A 162 9.63 -6.96 -21.68
C ASN A 162 10.28 -5.72 -22.29
N PHE A 163 10.55 -4.74 -21.42
CA PHE A 163 11.25 -3.50 -21.75
C PHE A 163 12.22 -3.38 -20.57
N PRO A 164 13.35 -4.09 -20.62
CA PRO A 164 14.23 -4.17 -19.45
C PRO A 164 14.65 -2.82 -18.90
N LEU A 165 15.36 -2.03 -19.70
CA LEU A 165 15.89 -0.78 -19.20
C LEU A 165 14.77 0.19 -18.84
N LEU A 166 13.74 0.30 -19.68
CA LEU A 166 12.63 1.19 -19.38
C LEU A 166 11.94 0.78 -18.09
N MET A 167 11.51 -0.47 -18.00
CA MET A 167 10.92 -0.98 -16.75
C MET A 167 11.82 -0.69 -15.56
N LEU A 168 13.13 -0.63 -15.78
CA LEU A 168 14.07 -0.33 -14.71
C LEU A 168 14.08 1.16 -14.37
N VAL A 169 13.97 2.02 -15.38
CA VAL A 169 13.97 3.46 -15.13
C VAL A 169 12.71 3.87 -14.37
N TRP A 170 11.54 3.39 -14.84
CA TRP A 170 10.25 3.72 -14.24
C TRP A 170 10.30 3.65 -12.72
N LYS A 171 11.15 2.79 -12.18
CA LYS A 171 11.30 2.63 -10.73
C LYS A 171 12.48 3.43 -10.18
N LEU A 172 13.62 3.39 -10.85
CA LEU A 172 14.80 4.11 -10.37
C LEU A 172 14.55 5.61 -10.37
N ALA A 173 14.02 6.14 -11.47
CA ALA A 173 13.84 7.57 -11.63
C ALA A 173 13.08 8.17 -10.45
N PRO A 174 11.82 7.77 -10.22
CA PRO A 174 11.09 8.34 -9.07
C PRO A 174 11.72 8.00 -7.73
N ALA A 175 12.21 6.77 -7.57
CA ALA A 175 12.84 6.39 -6.32
C ALA A 175 14.03 7.28 -5.99
N LEU A 176 14.71 7.82 -7.02
CA LEU A 176 15.92 8.60 -6.82
C LEU A 176 15.64 10.09 -6.59
N CYS A 177 14.51 10.60 -7.08
CA CYS A 177 14.05 11.96 -6.82
C CYS A 177 13.29 12.01 -5.50
N CYS A 178 13.83 11.19 -4.61
CA CYS A 178 13.49 11.13 -3.20
C CYS A 178 14.76 10.61 -2.53
N GLY A 179 14.72 10.47 -1.21
CA GLY A 179 15.93 10.06 -0.51
C GLY A 179 16.49 8.74 -1.03
N ASN A 180 15.60 7.84 -1.46
CA ASN A 180 15.88 6.41 -1.49
C ASN A 180 17.12 6.00 -2.27
N THR A 181 17.90 5.09 -1.68
CA THR A 181 18.88 4.28 -2.40
C THR A 181 18.26 2.96 -2.79
N MET A 182 18.85 2.29 -3.79
CA MET A 182 18.23 1.14 -4.45
C MET A 182 19.17 -0.06 -4.55
N VAL A 183 18.56 -1.23 -4.75
CA VAL A 183 19.22 -2.48 -5.14
C VAL A 183 18.40 -3.12 -6.25
N LEU A 184 18.99 -3.24 -7.44
CA LEU A 184 18.25 -3.56 -8.65
C LEU A 184 18.58 -4.98 -9.11
N LYS A 185 17.54 -5.80 -9.24
CA LYS A 185 17.64 -7.14 -9.81
C LYS A 185 16.95 -7.17 -11.16
N PRO A 186 17.66 -7.00 -12.27
CA PRO A 186 17.02 -7.14 -13.59
C PRO A 186 16.67 -8.60 -13.87
N ALA A 187 16.00 -8.85 -14.99
CA ALA A 187 15.75 -10.22 -15.39
C ALA A 187 17.07 -10.93 -15.66
N GLU A 188 16.99 -12.23 -15.94
CA GLU A 188 18.15 -12.99 -16.36
C GLU A 188 18.27 -13.12 -17.87
N GLN A 189 17.14 -13.17 -18.57
CA GLN A 189 17.19 -13.15 -20.03
C GLN A 189 17.82 -11.86 -20.54
N THR A 190 17.64 -10.76 -19.82
CA THR A 190 18.00 -9.43 -20.31
C THR A 190 18.62 -8.61 -19.18
N PRO A 191 19.87 -8.91 -18.83
CA PRO A 191 20.58 -8.10 -17.81
C PRO A 191 21.57 -7.08 -18.37
N LEU A 192 21.68 -6.95 -19.69
CA LEU A 192 22.77 -6.18 -20.27
C LEU A 192 22.58 -4.68 -20.04
N THR A 193 21.47 -4.13 -20.53
CA THR A 193 21.25 -2.69 -20.42
C THR A 193 21.27 -2.23 -18.97
N ALA A 194 20.64 -3.00 -18.08
CA ALA A 194 20.66 -2.64 -16.66
C ALA A 194 22.08 -2.50 -16.15
N LEU A 195 22.97 -3.41 -16.54
CA LEU A 195 24.35 -3.35 -16.08
C LEU A 195 25.07 -2.12 -16.64
N TYR A 196 24.81 -1.79 -17.91
CA TYR A 196 25.46 -0.63 -18.51
C TYR A 196 25.08 0.65 -17.78
N LEU A 197 23.77 0.85 -17.56
CA LEU A 197 23.32 2.04 -16.85
C LEU A 197 24.06 2.23 -15.54
N GLY A 198 24.44 1.13 -14.87
CA GLY A 198 25.28 1.24 -13.70
C GLY A 198 26.58 1.96 -13.97
N SER A 199 27.09 1.85 -15.20
CA SER A 199 28.27 2.62 -15.58
C SER A 199 27.95 4.11 -15.64
N LEU A 200 26.91 4.47 -16.41
CA LEU A 200 26.50 5.86 -16.49
C LEU A 200 26.23 6.43 -15.10
N ILE A 201 25.63 5.64 -14.22
CA ILE A 201 25.31 6.12 -12.88
C ILE A 201 26.58 6.57 -12.16
N LYS A 202 27.64 5.77 -12.22
CA LYS A 202 28.90 6.18 -11.64
C LYS A 202 29.48 7.39 -12.38
N GLU A 203 29.28 7.42 -13.70
CA GLU A 203 29.78 8.53 -14.56
C GLU A 203 29.28 9.90 -14.11
N ALA A 204 27.96 10.06 -14.02
CA ALA A 204 27.40 11.31 -13.49
C ALA A 204 27.69 11.13 -12.01
N GLY A 205 28.13 12.12 -11.28
CA GLY A 205 28.64 11.76 -9.96
C GLY A 205 27.60 11.45 -8.90
N PHE A 206 26.97 10.28 -8.98
CA PHE A 206 26.03 9.89 -7.91
C PHE A 206 26.94 9.38 -6.83
N PRO A 207 26.77 9.79 -5.56
CA PRO A 207 27.68 9.41 -4.49
C PRO A 207 27.47 7.91 -4.41
N PRO A 208 28.56 6.89 -4.38
CA PRO A 208 28.54 5.41 -4.43
C PRO A 208 27.63 4.83 -3.35
N GLY A 209 27.01 3.69 -3.67
CA GLY A 209 26.05 3.06 -2.80
C GLY A 209 24.63 3.54 -2.98
N VAL A 210 24.41 4.64 -3.70
CA VAL A 210 23.06 5.13 -3.95
C VAL A 210 22.28 4.12 -4.78
N VAL A 211 22.92 3.55 -5.80
CA VAL A 211 22.31 2.53 -6.65
C VAL A 211 23.23 1.32 -6.68
N ASN A 212 22.64 0.13 -6.62
CA ASN A 212 23.39 -1.11 -6.66
C ASN A 212 22.64 -2.11 -7.53
N ILE A 213 23.31 -2.59 -8.58
CA ILE A 213 22.74 -3.57 -9.49
C ILE A 213 23.36 -4.92 -9.19
N VAL A 214 22.52 -5.94 -8.99
CA VAL A 214 22.98 -7.28 -8.67
C VAL A 214 22.31 -8.28 -9.61
N PRO A 215 22.90 -8.58 -10.77
CA PRO A 215 22.28 -9.54 -11.68
C PRO A 215 22.21 -10.93 -11.06
N GLY A 216 21.26 -11.72 -11.52
CA GLY A 216 21.08 -13.05 -10.99
C GLY A 216 19.80 -13.68 -11.51
N PHE A 217 19.30 -14.64 -10.74
CA PHE A 217 18.12 -15.40 -11.11
C PHE A 217 16.95 -15.04 -10.20
N GLY A 218 15.76 -15.48 -10.60
CA GLY A 218 14.55 -15.16 -9.88
C GLY A 218 14.53 -15.68 -8.46
N PRO A 219 14.54 -17.01 -8.30
CA PRO A 219 14.51 -17.59 -6.96
C PRO A 219 15.77 -17.32 -6.13
N THR A 220 16.86 -16.85 -6.74
CA THR A 220 18.12 -16.69 -6.04
C THR A 220 18.35 -15.26 -5.57
N VAL A 221 18.43 -14.31 -6.49
CA VAL A 221 18.66 -12.92 -6.14
C VAL A 221 17.35 -12.20 -5.86
N GLY A 222 16.37 -12.36 -6.74
CA GLY A 222 15.08 -11.73 -6.52
C GLY A 222 14.44 -12.18 -5.23
N ALA A 223 14.45 -13.50 -4.98
CA ALA A 223 13.89 -14.02 -3.74
C ALA A 223 14.62 -13.49 -2.52
N ALA A 224 15.92 -13.21 -2.65
CA ALA A 224 16.67 -12.67 -1.52
C ALA A 224 16.23 -11.25 -1.20
N ILE A 225 15.99 -10.43 -2.22
CA ILE A 225 15.57 -9.05 -1.99
C ILE A 225 14.21 -9.01 -1.32
N SER A 226 13.22 -9.68 -1.92
CA SER A 226 11.86 -9.63 -1.40
C SER A 226 11.74 -10.11 0.04
N SER A 227 12.80 -10.69 0.60
CA SER A 227 12.79 -11.16 1.97
C SER A 227 13.88 -10.54 2.82
N HIS A 228 14.75 -9.71 2.25
CA HIS A 228 15.81 -9.08 3.02
C HIS A 228 15.20 -8.14 4.06
N PRO A 229 15.67 -8.16 5.31
CA PRO A 229 15.04 -7.36 6.36
C PRO A 229 15.50 -5.91 6.42
N GLN A 230 16.48 -5.51 5.61
CA GLN A 230 16.95 -4.14 5.58
C GLN A 230 16.50 -3.37 4.34
N ILE A 231 15.74 -4.02 3.45
CA ILE A 231 15.12 -3.34 2.32
C ILE A 231 13.71 -2.92 2.75
N ASN A 232 13.42 -1.62 2.62
CA ASN A 232 12.19 -1.05 3.14
C ASN A 232 11.07 -0.96 2.12
N LYS A 233 11.34 -1.32 0.86
CA LYS A 233 10.33 -1.17 -0.18
C LYS A 233 10.78 -1.96 -1.41
N ILE A 234 9.80 -2.46 -2.16
CA ILE A 234 10.06 -3.22 -3.38
C ILE A 234 9.14 -2.71 -4.48
N ALA A 235 9.65 -2.70 -5.70
CA ALA A 235 8.87 -2.44 -6.90
C ALA A 235 9.10 -3.58 -7.86
N PHE A 236 8.03 -4.29 -8.23
CA PHE A 236 8.12 -5.47 -9.07
C PHE A 236 7.28 -5.27 -10.34
N THR A 237 7.79 -5.77 -11.45
CA THR A 237 7.10 -5.72 -12.74
C THR A 237 7.34 -7.03 -13.45
N GLY A 238 6.33 -7.89 -13.52
CA GLY A 238 6.50 -9.17 -14.19
C GLY A 238 5.27 -10.05 -14.03
N SER A 239 5.52 -11.36 -14.02
CA SER A 239 4.44 -12.34 -13.96
C SER A 239 3.54 -12.08 -12.76
N THR A 240 2.24 -12.35 -12.95
CA THR A 240 1.28 -12.18 -11.88
C THR A 240 1.59 -13.10 -10.70
N GLU A 241 1.70 -14.40 -10.96
CA GLU A 241 1.94 -15.35 -9.88
C GLU A 241 3.24 -15.07 -9.15
N VAL A 242 4.28 -14.69 -9.88
CA VAL A 242 5.54 -14.33 -9.23
C VAL A 242 5.36 -13.11 -8.34
N GLY A 243 4.45 -12.20 -8.70
CA GLY A 243 4.16 -11.07 -7.84
C GLY A 243 3.51 -11.49 -6.54
N LYS A 244 2.60 -12.47 -6.60
CA LYS A 244 1.97 -12.98 -5.38
C LYS A 244 3.02 -13.45 -4.38
N LEU A 245 4.12 -14.04 -4.87
CA LEU A 245 5.15 -14.53 -3.97
C LEU A 245 5.93 -13.39 -3.34
N VAL A 246 6.30 -12.39 -4.14
CA VAL A 246 7.05 -11.25 -3.60
C VAL A 246 6.23 -10.55 -2.52
N LYS A 247 4.95 -10.29 -2.79
CA LYS A 247 4.08 -9.73 -1.77
C LYS A 247 3.98 -10.66 -0.57
N GLU A 248 3.91 -11.97 -0.82
CA GLU A 248 3.93 -12.94 0.26
C GLU A 248 5.23 -12.84 1.05
N ALA A 249 6.37 -12.89 0.35
CA ALA A 249 7.66 -12.83 1.03
C ALA A 249 7.82 -11.51 1.78
N ALA A 250 7.57 -10.39 1.10
CA ALA A 250 7.69 -9.09 1.75
C ALA A 250 6.83 -9.02 3.00
N SER A 251 5.64 -9.62 2.96
CA SER A 251 4.74 -9.58 4.11
C SER A 251 5.24 -10.47 5.24
N ARG A 252 5.98 -11.53 4.92
CA ARG A 252 6.39 -12.50 5.93
C ARG A 252 7.67 -12.09 6.66
N SER A 253 8.47 -11.20 6.08
CA SER A 253 9.79 -10.88 6.62
C SER A 253 9.85 -9.48 7.22
N ASN A 254 9.64 -8.46 6.41
CA ASN A 254 9.95 -7.08 6.79
C ASN A 254 8.73 -6.17 6.81
N LEU A 255 7.55 -6.68 6.47
CA LEU A 255 6.40 -5.80 6.23
C LEU A 255 6.77 -4.68 5.27
N LYS A 256 7.78 -4.94 4.44
CA LYS A 256 8.28 -3.94 3.52
C LYS A 256 7.21 -3.54 2.52
N ARG A 257 7.23 -2.28 2.12
CA ARG A 257 6.25 -1.79 1.16
C ARG A 257 6.54 -2.38 -0.22
N VAL A 258 5.49 -2.87 -0.88
CA VAL A 258 5.62 -3.51 -2.18
C VAL A 258 4.57 -2.93 -3.11
N THR A 259 5.01 -2.56 -4.31
CA THR A 259 4.11 -2.12 -5.38
C THR A 259 4.38 -3.00 -6.60
N LEU A 260 3.30 -3.54 -7.18
CA LEU A 260 3.40 -4.56 -8.21
C LEU A 260 2.78 -4.07 -9.51
N GLU A 261 3.50 -4.29 -10.62
CA GLU A 261 2.99 -4.06 -11.96
C GLU A 261 2.93 -5.42 -12.65
N LEU A 262 1.74 -5.98 -12.74
CA LEU A 262 1.54 -7.31 -13.29
C LEU A 262 1.00 -7.20 -14.72
N GLY A 263 0.43 -8.29 -15.22
CA GLY A 263 -0.15 -8.33 -16.56
C GLY A 263 -1.64 -8.17 -16.54
N GLY A 264 -2.31 -8.90 -17.42
CA GLY A 264 -3.76 -8.90 -17.49
C GLY A 264 -4.26 -8.99 -18.93
N LYS A 265 -5.50 -9.45 -19.06
CA LYS A 265 -6.18 -9.48 -20.35
C LYS A 265 -6.85 -8.12 -20.56
N ASN A 266 -6.27 -7.31 -21.45
CA ASN A 266 -6.67 -5.92 -21.57
C ASN A 266 -7.72 -5.78 -22.66
N PRO A 267 -8.98 -5.55 -22.31
CA PRO A 267 -10.03 -5.47 -23.34
C PRO A 267 -9.78 -4.34 -24.32
N CYS A 268 -10.38 -4.48 -25.51
CA CYS A 268 -10.34 -3.46 -26.55
C CYS A 268 -11.70 -3.41 -27.21
N ILE A 269 -12.35 -2.26 -27.13
CA ILE A 269 -13.75 -2.09 -27.53
C ILE A 269 -13.82 -1.22 -28.78
N VAL A 270 -14.59 -1.66 -29.76
CA VAL A 270 -14.81 -0.93 -31.00
C VAL A 270 -16.31 -0.79 -31.19
N CYS A 271 -16.81 0.45 -31.14
CA CYS A 271 -18.23 0.69 -31.32
C CYS A 271 -18.56 0.90 -32.80
N ALA A 272 -19.84 0.81 -33.12
CA ALA A 272 -20.29 0.98 -34.50
C ALA A 272 -19.76 2.29 -35.07
N ASP A 273 -19.89 3.38 -34.31
CA ASP A 273 -19.26 4.63 -34.72
C ASP A 273 -17.78 4.54 -34.35
N ALA A 274 -17.01 3.81 -35.14
CA ALA A 274 -15.58 3.79 -34.89
C ALA A 274 -14.87 4.10 -36.19
N ASP A 275 -13.77 4.82 -36.07
CA ASP A 275 -12.96 5.08 -37.25
C ASP A 275 -12.14 3.81 -37.46
N LEU A 276 -12.77 2.85 -38.15
CA LEU A 276 -12.18 1.51 -38.25
C LEU A 276 -10.72 1.56 -38.68
N ASP A 277 -10.42 2.32 -39.74
CA ASP A 277 -9.04 2.45 -40.18
C ASP A 277 -8.11 2.79 -39.01
N LEU A 278 -8.62 3.54 -38.03
CA LEU A 278 -7.89 3.78 -36.80
C LEU A 278 -8.12 2.68 -35.77
N ALA A 279 -9.37 2.20 -35.67
CA ALA A 279 -9.67 1.13 -34.71
C ALA A 279 -8.96 -0.16 -35.10
N VAL A 280 -9.14 -0.61 -36.34
CA VAL A 280 -8.48 -1.84 -36.79
C VAL A 280 -6.96 -1.69 -36.67
N GLU A 281 -6.44 -0.51 -37.01
CA GLU A 281 -5.00 -0.31 -36.99
C GLU A 281 -4.46 -0.30 -35.56
N CYS A 282 -5.05 0.52 -34.69
CA CYS A 282 -4.59 0.59 -33.31
C CYS A 282 -4.70 -0.77 -32.63
N ALA A 283 -5.81 -1.48 -32.85
CA ALA A 283 -5.93 -2.83 -32.33
C ALA A 283 -4.81 -3.74 -32.84
N HIS A 284 -4.23 -3.41 -34.00
CA HIS A 284 -3.14 -4.20 -34.54
C HIS A 284 -1.87 -4.06 -33.70
N GLN A 285 -1.32 -2.84 -33.62
CA GLN A 285 -0.11 -2.64 -32.84
C GLN A 285 -0.35 -2.76 -31.33
N GLY A 286 -1.59 -2.96 -30.91
CA GLY A 286 -1.89 -3.20 -29.51
C GLY A 286 -2.06 -4.67 -29.18
N VAL A 287 -1.66 -5.56 -30.08
CA VAL A 287 -1.76 -7.00 -29.88
C VAL A 287 -0.46 -7.59 -30.40
N PHE A 288 -0.12 -7.27 -31.65
CA PHE A 288 1.05 -7.81 -32.33
C PHE A 288 2.33 -6.96 -32.24
N PHE A 289 2.38 -5.95 -31.38
CA PHE A 289 3.54 -5.08 -31.28
C PHE A 289 4.57 -5.67 -30.33
N ASN A 290 5.85 -5.51 -30.68
CA ASN A 290 6.95 -6.09 -29.93
C ASN A 290 6.79 -7.60 -29.78
N GLN A 291 6.38 -8.25 -30.87
CA GLN A 291 6.32 -9.72 -30.94
C GLN A 291 5.20 -10.27 -30.07
N GLY A 292 4.09 -9.54 -29.99
CA GLY A 292 2.93 -9.97 -29.24
C GLY A 292 3.09 -9.98 -27.73
N GLN A 293 4.30 -9.79 -27.22
CA GLN A 293 4.57 -9.80 -25.79
C GLN A 293 4.62 -8.38 -25.26
N CYS A 294 3.71 -8.05 -24.34
CA CYS A 294 3.69 -6.73 -23.72
C CYS A 294 2.59 -6.66 -22.67
N CYS A 295 2.87 -5.94 -21.58
CA CYS A 295 1.87 -5.82 -20.50
C CYS A 295 0.58 -5.23 -20.99
N THR A 296 0.63 -4.39 -22.03
CA THR A 296 -0.53 -3.68 -22.53
C THR A 296 -1.22 -4.39 -23.69
N ALA A 297 -0.73 -5.56 -24.11
CA ALA A 297 -1.32 -6.26 -25.23
C ALA A 297 -2.81 -6.50 -25.01
N ALA A 298 -3.58 -6.42 -26.08
CA ALA A 298 -5.03 -6.57 -26.02
C ALA A 298 -5.37 -8.04 -26.21
N SER A 299 -5.74 -8.72 -25.13
CA SER A 299 -6.14 -10.12 -25.22
C SER A 299 -7.53 -10.28 -25.79
N ARG A 300 -8.40 -9.29 -25.60
CA ARG A 300 -9.77 -9.33 -26.10
C ARG A 300 -10.03 -8.11 -26.98
N VAL A 301 -10.99 -8.26 -27.89
CA VAL A 301 -11.37 -7.17 -28.80
C VAL A 301 -12.86 -7.24 -29.06
N PHE A 302 -13.65 -6.48 -28.30
CA PHE A 302 -15.09 -6.46 -28.46
C PHE A 302 -15.47 -5.51 -29.60
N VAL A 303 -16.29 -6.00 -30.52
CA VAL A 303 -16.75 -5.21 -31.67
C VAL A 303 -18.26 -5.36 -31.78
N GLU A 304 -18.90 -4.32 -32.31
CA GLU A 304 -20.35 -4.27 -32.39
C GLU A 304 -20.85 -4.91 -33.68
N GLU A 305 -22.08 -5.43 -33.62
CA GLU A 305 -22.66 -6.16 -34.74
C GLU A 305 -22.47 -5.42 -36.06
N GLN A 306 -22.91 -4.14 -36.10
CA GLN A 306 -22.90 -3.38 -37.34
C GLN A 306 -21.52 -3.33 -37.99
N VAL A 307 -20.45 -3.53 -37.22
CA VAL A 307 -19.09 -3.45 -37.74
C VAL A 307 -18.32 -4.75 -37.59
N TYR A 308 -18.78 -5.68 -36.75
CA TYR A 308 -18.05 -6.92 -36.50
C TYR A 308 -17.53 -7.55 -37.78
N SER A 309 -18.42 -7.87 -38.72
CA SER A 309 -18.01 -8.60 -39.92
C SER A 309 -16.98 -7.79 -40.71
N GLU A 310 -17.30 -6.55 -41.05
CA GLU A 310 -16.35 -5.70 -41.75
C GLU A 310 -15.06 -5.53 -40.94
N PHE A 311 -15.18 -5.44 -39.62
CA PHE A 311 -13.99 -5.31 -38.79
C PHE A 311 -13.06 -6.51 -38.98
N VAL A 312 -13.61 -7.72 -38.88
CA VAL A 312 -12.81 -8.93 -39.06
C VAL A 312 -12.13 -8.94 -40.42
N ARG A 313 -12.78 -8.35 -41.43
CA ARG A 313 -12.21 -8.33 -42.78
C ARG A 313 -10.90 -7.55 -42.82
N ARG A 314 -10.98 -6.24 -42.55
CA ARG A 314 -9.82 -5.37 -42.66
C ARG A 314 -8.80 -5.59 -41.56
N SER A 315 -9.25 -6.06 -40.39
CA SER A 315 -8.32 -6.63 -39.42
C SER A 315 -7.42 -7.67 -40.09
N VAL A 316 -8.02 -8.61 -40.81
CA VAL A 316 -7.27 -9.73 -41.38
C VAL A 316 -6.40 -9.24 -42.53
N GLU A 317 -6.98 -8.46 -43.46
CA GLU A 317 -6.20 -8.01 -44.61
C GLU A 317 -4.96 -7.26 -44.16
N TYR A 318 -5.11 -6.33 -43.21
CA TYR A 318 -3.97 -5.58 -42.70
C TYR A 318 -3.18 -6.35 -41.66
N ALA A 319 -3.68 -7.50 -41.20
CA ALA A 319 -3.01 -8.26 -40.16
C ALA A 319 -1.59 -8.65 -40.57
N LYS A 320 -1.45 -9.31 -41.72
CA LYS A 320 -0.16 -9.80 -42.19
C LYS A 320 0.46 -8.83 -43.20
N LYS A 321 0.67 -7.61 -42.69
CA LYS A 321 1.44 -6.54 -43.34
C LYS A 321 2.75 -6.24 -42.63
N ARG A 322 2.80 -6.40 -41.32
CA ARG A 322 4.06 -6.43 -40.58
C ARG A 322 5.03 -7.35 -41.30
N PRO A 323 6.17 -6.84 -41.75
CA PRO A 323 7.22 -7.74 -42.28
C PRO A 323 8.03 -8.38 -41.17
N VAL A 324 8.54 -9.59 -41.37
CA VAL A 324 9.35 -10.26 -40.36
C VAL A 324 10.77 -10.44 -40.90
N GLY A 325 11.76 -10.24 -40.04
CA GLY A 325 13.13 -10.34 -40.47
C GLY A 325 14.09 -10.08 -39.32
N ASP A 326 15.31 -9.72 -39.68
CA ASP A 326 16.35 -9.49 -38.68
C ASP A 326 16.01 -8.26 -37.85
N PRO A 327 16.31 -8.27 -36.56
CA PRO A 327 16.03 -7.08 -35.73
C PRO A 327 16.65 -5.80 -36.27
N PHE A 328 17.93 -5.84 -36.63
CA PHE A 328 18.61 -4.64 -37.12
C PHE A 328 18.11 -4.17 -38.48
N ASP A 329 17.13 -4.85 -39.08
CA ASP A 329 16.64 -4.48 -40.39
C ASP A 329 15.54 -3.44 -40.26
N VAL A 330 15.65 -2.35 -41.04
CA VAL A 330 14.60 -1.36 -41.10
C VAL A 330 13.34 -1.93 -41.73
N LYS A 331 13.46 -3.05 -42.45
CA LYS A 331 12.31 -3.64 -43.11
C LYS A 331 11.25 -4.07 -42.10
N THR A 332 11.67 -4.58 -40.96
CA THR A 332 10.80 -5.34 -40.07
C THR A 332 10.27 -4.48 -38.93
N GLU A 333 9.08 -4.87 -38.44
CA GLU A 333 8.51 -4.35 -37.21
C GLU A 333 8.47 -5.37 -36.09
N GLN A 334 8.79 -6.63 -36.38
CA GLN A 334 8.65 -7.72 -35.42
C GLN A 334 9.87 -8.62 -35.47
N GLY A 335 10.40 -8.97 -34.30
CA GLY A 335 11.48 -9.92 -34.21
C GLY A 335 11.00 -11.24 -33.62
N PRO A 336 11.91 -11.95 -32.94
CA PRO A 336 11.52 -13.22 -32.30
C PRO A 336 11.04 -13.07 -30.86
N GLN A 337 11.04 -14.19 -30.15
CA GLN A 337 10.72 -14.29 -28.72
C GLN A 337 11.99 -14.64 -27.94
N ILE A 338 11.90 -14.63 -26.61
CA ILE A 338 13.08 -14.93 -25.80
C ILE A 338 13.16 -16.39 -25.39
N ASP A 339 12.16 -16.87 -24.64
CA ASP A 339 12.18 -18.26 -24.20
C ASP A 339 11.16 -19.05 -25.02
N GLN A 340 11.23 -20.36 -24.91
CA GLN A 340 10.38 -21.23 -25.71
C GLN A 340 9.25 -21.83 -24.90
N LYS A 341 9.07 -21.42 -23.65
CA LYS A 341 7.80 -21.67 -22.96
C LYS A 341 6.70 -20.78 -23.53
N GLN A 342 7.06 -19.58 -23.98
CA GLN A 342 6.11 -18.73 -24.68
C GLN A 342 5.73 -19.34 -26.03
N PHE A 343 6.74 -19.66 -26.85
CA PHE A 343 6.48 -20.25 -28.16
C PHE A 343 5.58 -21.48 -28.05
N ASP A 344 5.99 -22.45 -27.24
CA ASP A 344 5.20 -23.66 -27.05
C ASP A 344 3.78 -23.32 -26.62
N LYS A 345 3.64 -22.49 -25.58
CA LYS A 345 2.33 -22.19 -25.01
C LYS A 345 1.46 -21.36 -25.95
N ILE A 346 1.99 -20.86 -27.06
CA ILE A 346 1.21 -20.03 -27.97
C ILE A 346 0.60 -20.89 -29.07
N LEU A 347 1.45 -21.56 -29.85
CA LEU A 347 0.94 -22.44 -30.90
C LEU A 347 -0.03 -23.46 -30.32
N GLU A 348 0.17 -23.85 -29.06
CA GLU A 348 -0.82 -24.70 -28.39
C GLU A 348 -2.10 -23.93 -28.11
N LEU A 349 -1.98 -22.74 -27.53
CA LEU A 349 -3.16 -21.90 -27.31
C LEU A 349 -3.91 -21.63 -28.61
N ILE A 350 -3.18 -21.52 -29.72
CA ILE A 350 -3.82 -21.29 -31.01
C ILE A 350 -4.84 -22.38 -31.29
N GLU A 351 -4.46 -23.64 -31.04
CA GLU A 351 -5.41 -24.73 -31.21
C GLU A 351 -6.36 -24.88 -30.03
N SER A 352 -6.14 -24.14 -28.95
CA SER A 352 -7.10 -24.15 -27.85
C SER A 352 -8.42 -23.53 -28.27
N GLY A 353 -8.37 -22.43 -29.03
CA GLY A 353 -9.60 -21.82 -29.50
C GLY A 353 -10.29 -22.61 -30.58
N LYS A 354 -9.57 -23.52 -31.22
CA LYS A 354 -10.24 -24.33 -32.27
C LYS A 354 -11.10 -25.44 -31.66
N LYS A 355 -10.81 -25.91 -30.45
CA LYS A 355 -11.64 -27.01 -29.89
C LYS A 355 -13.07 -26.54 -29.73
N GLU A 356 -13.25 -25.33 -29.20
CA GLU A 356 -14.60 -24.76 -29.04
C GLU A 356 -15.00 -24.09 -30.35
N GLY A 357 -16.26 -23.70 -30.51
CA GLY A 357 -16.56 -23.06 -31.80
C GLY A 357 -15.81 -21.75 -31.86
N ALA A 358 -14.94 -21.60 -32.85
CA ALA A 358 -14.16 -20.36 -33.09
C ALA A 358 -13.53 -20.52 -34.46
N LYS A 359 -13.87 -19.60 -35.35
CA LYS A 359 -13.47 -19.68 -36.74
C LYS A 359 -12.19 -18.86 -36.89
N LEU A 360 -11.10 -19.51 -37.28
CA LEU A 360 -9.82 -18.82 -37.35
C LEU A 360 -9.68 -18.23 -38.76
N GLU A 361 -9.21 -16.99 -38.82
CA GLU A 361 -9.11 -16.28 -40.10
C GLU A 361 -7.74 -16.40 -40.75
N CYS A 362 -6.70 -16.60 -39.95
CA CYS A 362 -5.35 -16.76 -40.49
C CYS A 362 -4.34 -17.01 -39.36
N SER A 365 0.79 -21.04 -37.52
CA SER A 365 2.00 -21.84 -37.68
C SER A 365 3.24 -20.97 -37.51
N ALA A 366 4.42 -21.58 -37.63
CA ALA A 366 5.68 -20.94 -37.29
C ALA A 366 6.59 -20.84 -38.50
N MET A 367 7.81 -20.35 -38.26
CA MET A 367 8.84 -20.24 -39.28
C MET A 367 10.22 -20.41 -38.67
N PRO A 376 1.54 -14.96 -36.39
CA PRO A 376 0.77 -13.87 -36.99
C PRO A 376 -0.69 -14.28 -37.25
N THR A 377 -1.43 -14.57 -36.18
CA THR A 377 -2.75 -15.16 -36.28
C THR A 377 -3.84 -14.14 -35.98
N VAL A 378 -5.03 -14.39 -36.53
CA VAL A 378 -6.21 -13.56 -36.33
C VAL A 378 -7.37 -14.49 -36.10
N PHE A 379 -7.90 -14.50 -34.88
CA PHE A 379 -9.05 -15.35 -34.60
C PHE A 379 -10.33 -14.58 -34.85
N SER A 380 -11.46 -15.28 -34.75
CA SER A 380 -12.74 -14.69 -35.06
C SER A 380 -13.85 -15.57 -34.50
N GLU A 381 -15.06 -15.01 -34.49
CA GLU A 381 -16.26 -15.70 -34.04
C GLU A 381 -16.03 -16.31 -32.65
N VAL A 382 -15.34 -15.56 -31.80
CA VAL A 382 -14.92 -16.05 -30.50
C VAL A 382 -15.96 -15.64 -29.45
N THR A 383 -16.44 -16.61 -28.69
CA THR A 383 -17.23 -16.31 -27.51
C THR A 383 -16.31 -16.10 -26.32
N ASP A 384 -16.88 -15.73 -25.18
CA ASP A 384 -16.07 -15.52 -23.99
C ASP A 384 -15.61 -16.83 -23.39
N ASN A 385 -16.47 -17.85 -23.37
CA ASN A 385 -16.14 -19.13 -22.79
C ASN A 385 -15.18 -19.92 -23.67
N MET A 386 -13.96 -19.42 -23.82
CA MET A 386 -12.93 -20.11 -24.59
C MET A 386 -11.58 -19.75 -24.00
N ARG A 387 -10.55 -20.52 -24.39
CA ARG A 387 -9.20 -20.21 -23.94
C ARG A 387 -8.68 -18.94 -24.61
N ILE A 388 -9.03 -18.72 -25.88
CA ILE A 388 -8.53 -17.58 -26.63
C ILE A 388 -9.02 -16.26 -26.05
N ALA A 389 -10.06 -16.28 -25.22
CA ALA A 389 -10.57 -15.08 -24.59
C ALA A 389 -10.53 -15.11 -23.07
N LYS A 390 -10.12 -16.23 -22.46
CA LYS A 390 -10.14 -16.40 -21.02
C LYS A 390 -8.76 -16.28 -20.38
N GLU A 391 -7.70 -16.18 -21.16
CA GLU A 391 -6.35 -16.25 -20.63
C GLU A 391 -5.47 -15.18 -21.25
N GLU A 392 -4.34 -14.92 -20.59
CA GLU A 392 -3.36 -13.96 -21.09
C GLU A 392 -2.61 -14.60 -22.24
N ILE A 393 -2.94 -14.20 -23.47
CA ILE A 393 -2.25 -14.73 -24.65
C ILE A 393 -0.76 -14.45 -24.53
N PHE A 394 -0.40 -13.17 -24.44
CA PHE A 394 1.00 -12.76 -24.28
C PHE A 394 1.81 -13.30 -25.46
N GLY A 395 1.32 -12.97 -26.66
CA GLY A 395 1.82 -13.45 -27.91
C GLY A 395 0.87 -13.02 -29.03
N PRO A 396 1.39 -12.86 -30.25
CA PRO A 396 0.54 -12.35 -31.34
C PRO A 396 -0.66 -13.24 -31.64
N VAL A 397 -1.84 -12.81 -31.20
CA VAL A 397 -3.10 -13.50 -31.46
C VAL A 397 -4.25 -12.54 -31.18
N GLN A 398 -5.24 -12.51 -32.06
CA GLN A 398 -6.34 -11.54 -31.97
C GLN A 398 -7.68 -12.24 -31.84
N PRO A 399 -8.24 -12.35 -30.63
CA PRO A 399 -9.58 -12.93 -30.48
C PRO A 399 -10.66 -11.87 -30.56
N ILE A 400 -11.43 -11.86 -31.64
CA ILE A 400 -12.47 -10.86 -31.86
C ILE A 400 -13.81 -11.40 -31.38
N LEU A 401 -14.63 -10.52 -30.82
CA LEU A 401 -15.93 -10.90 -30.27
C LEU A 401 -16.98 -9.88 -30.71
N LYS A 402 -18.23 -10.35 -30.79
CA LYS A 402 -19.38 -9.54 -31.17
C LYS A 402 -20.13 -9.07 -29.93
N PHE A 403 -20.93 -8.02 -30.10
CA PHE A 403 -21.72 -7.50 -29.00
C PHE A 403 -22.69 -6.45 -29.52
N LYS A 404 -23.69 -6.14 -28.71
CA LYS A 404 -24.72 -5.16 -29.07
C LYS A 404 -24.71 -3.95 -28.14
N SER A 405 -24.91 -4.16 -26.84
CA SER A 405 -25.14 -3.09 -25.89
C SER A 405 -23.83 -2.48 -25.39
N ILE A 406 -23.94 -1.25 -24.87
CA ILE A 406 -22.84 -0.65 -24.13
C ILE A 406 -22.74 -1.27 -22.75
N GLU A 407 -23.88 -1.41 -22.06
CA GLU A 407 -23.90 -2.12 -20.79
C GLU A 407 -23.45 -3.57 -20.94
N GLU A 408 -23.57 -4.12 -22.15
CA GLU A 408 -23.11 -5.49 -22.39
C GLU A 408 -21.59 -5.59 -22.26
N VAL A 409 -20.87 -4.86 -23.11
CA VAL A 409 -19.41 -4.91 -23.07
C VAL A 409 -18.89 -4.49 -21.70
N ILE A 410 -19.56 -3.52 -21.07
CA ILE A 410 -19.12 -3.05 -19.77
C ILE A 410 -19.03 -4.22 -18.79
N LYS A 411 -20.08 -5.04 -18.72
CA LYS A 411 -20.06 -6.17 -17.81
C LYS A 411 -19.12 -7.28 -18.30
N ARG A 412 -19.03 -7.45 -19.62
CA ARG A 412 -18.10 -8.45 -20.15
C ARG A 412 -16.66 -8.06 -19.88
N ALA A 413 -16.21 -6.94 -20.45
CA ALA A 413 -14.83 -6.52 -20.29
C ALA A 413 -14.43 -6.41 -18.82
N ASN A 414 -15.39 -6.09 -17.94
CA ASN A 414 -15.11 -5.94 -16.52
C ASN A 414 -15.17 -7.26 -15.76
N SER A 415 -15.77 -8.30 -16.35
CA SER A 415 -15.93 -9.56 -15.63
C SER A 415 -14.61 -10.20 -15.24
N THR A 416 -13.50 -9.78 -15.86
CA THR A 416 -12.21 -10.38 -15.58
C THR A 416 -11.64 -9.85 -14.27
N ASP A 417 -10.51 -10.41 -13.86
CA ASP A 417 -9.76 -9.96 -12.70
C ASP A 417 -8.57 -9.09 -13.08
N TYR A 418 -8.45 -8.74 -14.36
CA TYR A 418 -7.26 -8.09 -14.90
C TYR A 418 -7.69 -6.76 -15.53
N GLY A 419 -7.67 -5.71 -14.72
CA GLY A 419 -7.88 -4.34 -15.24
C GLY A 419 -6.48 -3.78 -15.19
N LEU A 420 -5.89 -3.56 -16.38
CA LEU A 420 -4.59 -2.92 -16.46
C LEU A 420 -4.83 -1.78 -17.40
N THR A 421 -5.01 -2.08 -18.67
CA THR A 421 -5.32 -1.09 -19.68
C THR A 421 -6.66 -1.41 -20.32
N ALA A 422 -7.04 -0.55 -21.27
CA ALA A 422 -8.25 -0.70 -22.06
C ALA A 422 -8.21 0.38 -23.15
N ALA A 423 -8.91 0.10 -24.25
CA ALA A 423 -8.93 1.01 -25.37
C ALA A 423 -10.33 1.05 -25.95
N VAL A 424 -10.88 2.25 -26.06
CA VAL A 424 -12.19 2.47 -26.65
C VAL A 424 -12.00 3.25 -27.95
N PHE A 425 -12.85 2.95 -28.93
CA PHE A 425 -12.75 3.56 -30.26
C PHE A 425 -14.15 3.99 -30.71
N THR A 426 -14.48 5.26 -30.46
CA THR A 426 -15.73 5.84 -30.91
C THR A 426 -15.49 7.32 -31.22
N LYS A 427 -16.42 7.90 -31.97
CA LYS A 427 -16.46 9.33 -32.18
C LYS A 427 -17.52 10.01 -31.32
N ASN A 428 -18.30 9.24 -30.57
CA ASN A 428 -19.42 9.78 -29.80
C ASN A 428 -18.95 10.22 -28.42
N LEU A 429 -19.51 11.34 -27.95
CA LEU A 429 -19.11 11.88 -26.65
C LEU A 429 -19.60 11.00 -25.50
N ASP A 430 -20.89 10.70 -25.48
CA ASP A 430 -21.45 9.93 -24.37
C ASP A 430 -20.90 8.50 -24.36
N LYS A 431 -20.81 7.86 -25.52
CA LYS A 431 -20.22 6.52 -25.58
C LYS A 431 -18.80 6.53 -25.06
N ALA A 432 -18.00 7.53 -25.45
CA ALA A 432 -16.62 7.61 -25.00
C ALA A 432 -16.53 7.71 -23.48
N LEU A 433 -17.17 8.73 -22.91
CA LEU A 433 -17.07 8.96 -21.47
C LEU A 433 -17.77 7.86 -20.68
N LYS A 434 -18.98 7.48 -21.11
CA LYS A 434 -19.72 6.43 -20.40
C LYS A 434 -18.86 5.18 -20.25
N LEU A 435 -18.18 4.78 -21.32
CA LEU A 435 -17.31 3.61 -21.24
C LEU A 435 -16.09 3.88 -20.37
N ALA A 436 -15.51 5.07 -20.47
CA ALA A 436 -14.33 5.40 -19.69
C ALA A 436 -14.61 5.29 -18.20
N SER A 437 -15.73 5.85 -17.75
CA SER A 437 -16.05 5.82 -16.32
C SER A 437 -16.30 4.40 -15.82
N ALA A 438 -16.80 3.52 -16.68
CA ALA A 438 -17.21 2.18 -16.25
C ALA A 438 -16.08 1.17 -16.28
N LEU A 439 -15.22 1.22 -17.29
CA LEU A 439 -14.17 0.21 -17.44
C LEU A 439 -13.25 0.21 -16.22
N GLU A 440 -13.06 -0.98 -15.64
CA GLU A 440 -12.21 -1.15 -14.47
C GLU A 440 -10.77 -1.41 -14.93
N SER A 441 -10.09 -0.32 -15.28
CA SER A 441 -8.72 -0.40 -15.75
C SER A 441 -7.94 0.81 -15.26
N GLY A 442 -6.67 0.59 -14.90
CA GLY A 442 -5.83 1.70 -14.49
C GLY A 442 -5.69 2.75 -15.57
N THR A 443 -5.56 2.31 -16.82
CA THR A 443 -5.50 3.20 -17.97
C THR A 443 -6.63 2.84 -18.93
N VAL A 444 -7.24 3.87 -19.51
CA VAL A 444 -8.35 3.70 -20.46
C VAL A 444 -8.04 4.59 -21.66
N TRP A 445 -7.41 4.02 -22.68
CA TRP A 445 -7.12 4.78 -23.89
C TRP A 445 -8.40 5.01 -24.69
N ILE A 446 -8.36 6.02 -25.56
CA ILE A 446 -9.49 6.37 -26.40
C ILE A 446 -8.95 6.79 -27.76
N ASN A 447 -9.30 6.04 -28.81
CA ASN A 447 -8.83 6.34 -30.17
C ASN A 447 -7.31 6.37 -30.22
N CYS A 448 -6.68 5.48 -29.48
CA CYS A 448 -5.22 5.38 -29.44
C CYS A 448 -4.84 4.17 -28.60
N TYR A 449 -3.58 3.78 -28.69
CA TYR A 449 -3.06 2.65 -27.92
C TYR A 449 -1.61 2.92 -27.56
N ASN A 450 -1.20 2.39 -26.40
CA ASN A 450 0.17 2.56 -25.91
C ASN A 450 0.55 4.04 -25.83
N ALA A 451 -0.45 4.91 -25.66
CA ALA A 451 -0.23 6.34 -25.53
C ALA A 451 0.26 6.63 -24.10
N LEU A 452 1.49 6.22 -23.84
CA LEU A 452 2.10 6.39 -22.54
C LEU A 452 2.79 7.75 -22.44
N TYR A 453 2.78 8.31 -21.23
CA TYR A 453 3.41 9.58 -20.95
C TYR A 453 4.03 9.55 -19.57
N ALA A 454 5.24 10.10 -19.45
CA ALA A 454 5.84 10.27 -18.13
C ALA A 454 5.04 11.20 -17.24
N GLN A 455 3.98 11.84 -17.76
CA GLN A 455 3.12 12.69 -16.96
C GLN A 455 1.94 11.94 -16.36
N ALA A 456 1.43 10.93 -17.06
CA ALA A 456 0.28 10.15 -16.62
C ALA A 456 0.72 8.88 -15.90
N PRO A 457 0.06 8.55 -14.79
CA PRO A 457 0.49 7.40 -13.98
C PRO A 457 0.01 6.08 -14.54
N PHE A 458 0.94 5.14 -14.72
CA PHE A 458 0.59 3.78 -15.12
C PHE A 458 0.36 2.91 -13.88
N GLY A 459 -0.37 1.84 -14.08
CA GLY A 459 -0.72 0.94 -12.99
C GLY A 459 -1.98 0.19 -13.30
N GLY A 460 -2.27 -0.80 -12.46
CA GLY A 460 -3.38 -1.69 -12.73
C GLY A 460 -4.45 -1.75 -11.66
N PHE A 461 -5.67 -2.10 -12.07
CA PHE A 461 -6.77 -2.39 -11.17
C PHE A 461 -6.79 -3.86 -10.81
N LYS A 462 -7.67 -4.23 -9.87
CA LYS A 462 -7.95 -5.62 -9.52
C LYS A 462 -6.62 -6.36 -9.35
N MET A 463 -6.40 -7.46 -10.06
CA MET A 463 -5.20 -8.27 -9.92
C MET A 463 -4.08 -7.84 -10.87
N SER A 464 -4.32 -6.87 -11.74
CA SER A 464 -3.28 -6.38 -12.63
C SER A 464 -2.13 -5.69 -11.88
N GLY A 465 -2.19 -5.65 -10.56
CA GLY A 465 -1.16 -5.05 -9.74
C GLY A 465 -1.76 -4.19 -8.67
N ASN A 466 -0.94 -3.35 -8.07
CA ASN A 466 -1.39 -2.35 -7.11
C ASN A 466 -0.27 -1.34 -6.91
N GLY A 467 -0.62 -0.07 -6.96
CA GLY A 467 0.35 1.01 -7.04
C GLY A 467 0.38 1.65 -8.41
N ARG A 468 1.08 2.76 -8.50
CA ARG A 468 1.13 3.53 -9.74
C ARG A 468 2.55 4.02 -9.99
N GLU A 469 3.00 3.84 -11.22
CA GLU A 469 4.25 4.39 -11.71
C GLU A 469 3.95 5.48 -12.74
N LEU A 470 4.97 6.27 -13.06
CA LEU A 470 4.98 7.11 -14.25
C LEU A 470 4.18 8.41 -14.10
N GLY A 471 3.78 8.79 -12.88
CA GLY A 471 3.08 10.04 -12.69
C GLY A 471 3.53 10.75 -11.44
N GLU A 472 2.80 11.81 -11.09
CA GLU A 472 3.01 12.38 -9.77
C GLU A 472 2.56 11.40 -8.70
N TYR A 473 1.64 10.50 -9.04
CA TYR A 473 1.27 9.42 -8.13
C TYR A 473 2.42 8.46 -7.89
N ALA A 474 3.39 8.41 -8.81
CA ALA A 474 4.55 7.54 -8.61
C ALA A 474 5.30 7.92 -7.34
N LEU A 475 5.33 9.21 -7.00
CA LEU A 475 6.03 9.65 -5.81
C LEU A 475 5.43 9.05 -4.55
N ALA A 476 4.13 8.80 -4.54
CA ALA A 476 3.47 8.28 -3.34
C ALA A 476 4.07 6.94 -2.91
N GLU A 477 4.53 6.13 -3.86
CA GLU A 477 5.07 4.82 -3.55
C GLU A 477 6.53 4.85 -3.11
N TYR A 478 7.17 6.02 -3.12
CA TYR A 478 8.56 6.14 -2.71
C TYR A 478 8.73 7.19 -1.62
N THR A 479 7.74 7.33 -0.74
CA THR A 479 7.81 8.27 0.36
C THR A 479 6.93 7.77 1.50
N GLU A 480 7.42 7.94 2.72
CA GLU A 480 6.64 7.67 3.92
C GLU A 480 6.26 9.00 4.56
N VAL A 481 5.01 9.11 5.00
CA VAL A 481 4.46 10.37 5.49
C VAL A 481 4.65 10.44 6.99
N LYS A 482 5.43 11.40 7.46
CA LYS A 482 5.62 11.66 8.88
C LYS A 482 4.79 12.87 9.29
N THR A 483 3.95 12.69 10.30
CA THR A 483 3.19 13.79 10.88
C THR A 483 3.94 14.39 12.06
N VAL A 484 3.90 15.71 12.16
CA VAL A 484 4.56 16.44 13.24
C VAL A 484 3.52 17.36 13.88
N THR A 485 3.24 17.15 15.16
CA THR A 485 2.24 17.92 15.89
C THR A 485 2.94 18.60 17.06
N ILE A 486 3.00 19.94 17.03
CA ILE A 486 3.68 20.74 18.04
C ILE A 486 2.64 21.54 18.81
N LYS A 487 2.73 21.49 20.14
CA LYS A 487 1.88 22.27 21.00
C LYS A 487 2.65 23.45 21.57
N LEU A 488 1.93 24.57 21.75
CA LEU A 488 2.50 25.77 22.34
C LEU A 488 1.84 26.04 23.69
N GLY A 489 2.51 26.86 24.49
CA GLY A 489 2.00 27.19 25.82
C GLY A 489 1.58 28.64 25.95
N LEU B 1 -19.66 14.31 33.18
CA LEU B 1 -20.84 14.97 33.73
C LEU B 1 -22.16 14.21 33.45
N PRO B 2 -22.24 13.45 32.36
CA PRO B 2 -23.42 12.62 32.15
C PRO B 2 -23.53 11.52 33.19
N ARG B 3 -24.77 11.15 33.49
CA ARG B 3 -25.03 10.16 34.52
C ARG B 3 -24.57 8.78 34.05
N PRO B 4 -23.72 8.08 34.81
CA PRO B 4 -23.37 6.71 34.44
C PRO B 4 -24.60 5.82 34.36
N ILE B 5 -24.66 5.00 33.31
CA ILE B 5 -25.78 4.10 33.07
C ILE B 5 -25.28 2.70 33.38
N ARG B 6 -25.55 2.23 34.60
CA ARG B 6 -24.88 1.04 35.10
C ARG B 6 -25.61 -0.26 34.80
N ASN B 7 -26.94 -0.22 34.64
CA ASN B 7 -27.69 -1.41 34.22
C ASN B 7 -28.28 -1.22 32.83
N LEU B 8 -27.50 -0.63 31.93
CA LEU B 8 -27.88 -0.60 30.52
C LEU B 8 -27.85 -2.00 29.94
N GLU B 9 -28.87 -2.33 29.16
CA GLU B 9 -29.04 -3.69 28.64
C GLU B 9 -28.54 -3.79 27.20
N VAL B 10 -27.85 -4.88 26.89
CA VAL B 10 -27.35 -5.14 25.55
C VAL B 10 -28.53 -5.46 24.66
N LYS B 11 -28.96 -4.48 23.85
CA LYS B 11 -30.07 -4.71 22.95
C LYS B 11 -29.64 -5.26 21.59
N PHE B 12 -28.38 -5.12 21.19
CA PHE B 12 -28.01 -5.60 19.83
C PHE B 12 -26.94 -6.68 19.87
N THR B 13 -27.22 -7.87 19.31
CA THR B 13 -26.25 -8.99 19.37
C THR B 13 -26.22 -9.85 18.08
N LYS B 14 -26.32 -9.34 16.88
CA LYS B 14 -26.35 -10.30 15.74
C LYS B 14 -25.59 -9.79 14.53
N ILE B 15 -25.38 -10.68 13.56
CA ILE B 15 -24.73 -10.33 12.27
C ILE B 15 -25.64 -9.33 11.58
N PHE B 16 -25.06 -8.26 11.04
CA PHE B 16 -25.81 -7.20 10.38
C PHE B 16 -25.41 -7.19 8.91
N ILE B 17 -26.35 -7.60 8.05
CA ILE B 17 -26.11 -7.72 6.62
C ILE B 17 -27.31 -7.16 5.87
N ASN B 18 -27.04 -6.38 4.82
CA ASN B 18 -28.09 -5.75 4.01
C ASN B 18 -29.12 -5.05 4.87
N ASN B 19 -28.65 -4.46 5.98
CA ASN B 19 -29.52 -3.73 6.90
C ASN B 19 -30.54 -4.68 7.54
N GLU B 20 -30.07 -5.85 7.96
CA GLU B 20 -30.92 -6.82 8.62
C GLU B 20 -30.09 -7.59 9.64
N TRP B 21 -30.74 -8.01 10.73
CA TRP B 21 -30.07 -8.77 11.77
C TRP B 21 -30.27 -10.26 11.52
N HIS B 22 -29.22 -11.04 11.77
CA HIS B 22 -29.17 -12.42 11.33
C HIS B 22 -28.58 -13.31 12.42
N GLU B 23 -29.07 -14.55 12.47
CA GLU B 23 -28.43 -15.58 13.26
C GLU B 23 -27.36 -16.27 12.42
N SER B 24 -26.21 -16.53 13.04
CA SER B 24 -25.10 -17.14 12.32
C SER B 24 -25.54 -18.43 11.66
N LYS B 25 -25.25 -18.57 10.36
CA LYS B 25 -25.51 -19.83 9.67
C LYS B 25 -24.97 -21.01 10.48
N SER B 26 -23.83 -20.81 11.14
CA SER B 26 -23.30 -21.83 12.04
C SER B 26 -24.34 -22.23 13.09
N GLY B 27 -25.16 -21.26 13.52
CA GLY B 27 -26.00 -21.44 14.68
C GLY B 27 -25.30 -21.21 15.99
N LYS B 28 -23.98 -21.35 16.04
CA LYS B 28 -23.23 -21.12 17.27
C LYS B 28 -23.38 -19.66 17.71
N LYS B 29 -22.93 -19.40 18.94
CA LYS B 29 -22.81 -18.05 19.46
C LYS B 29 -21.60 -18.01 20.38
N PHE B 30 -21.25 -16.80 20.82
CA PHE B 30 -20.16 -16.63 21.77
C PHE B 30 -20.46 -15.43 22.65
N ALA B 31 -19.78 -15.39 23.80
CA ALA B 31 -20.05 -14.39 24.82
C ALA B 31 -18.92 -13.38 24.91
N THR B 32 -19.25 -12.18 25.38
CA THR B 32 -18.29 -11.13 25.66
C THR B 32 -18.35 -10.79 27.14
N CYS B 33 -17.19 -10.55 27.73
CA CYS B 33 -17.06 -10.40 29.17
C CYS B 33 -16.73 -8.96 29.55
N ASN B 34 -17.10 -8.59 30.77
CA ASN B 34 -16.85 -7.27 31.31
C ASN B 34 -15.61 -7.35 32.18
N PRO B 35 -14.45 -6.83 31.76
CA PRO B 35 -13.23 -7.04 32.54
C PRO B 35 -13.25 -6.38 33.91
N SER B 36 -14.06 -5.34 34.08
CA SER B 36 -14.12 -4.62 35.35
C SER B 36 -14.66 -5.53 36.45
N THR B 37 -15.89 -6.00 36.27
CA THR B 37 -16.46 -7.09 37.05
C THR B 37 -16.35 -8.34 36.19
N ARG B 38 -15.45 -9.25 36.53
CA ARG B 38 -15.41 -10.51 35.78
C ARG B 38 -16.87 -10.94 35.86
N GLU B 39 -17.52 -10.97 34.70
CA GLU B 39 -18.92 -11.20 34.50
C GLU B 39 -19.15 -11.38 33.06
N GLN B 40 -20.24 -12.03 32.68
CA GLN B 40 -20.52 -12.21 31.23
C GLN B 40 -21.53 -11.09 31.00
N ILE B 41 -21.35 -10.44 29.86
CA ILE B 41 -22.24 -9.35 29.44
C ILE B 41 -23.38 -9.92 28.60
N CYS B 42 -23.05 -10.50 27.45
CA CYS B 42 -24.06 -11.05 26.57
C CYS B 42 -23.40 -12.01 25.60
N GLU B 43 -24.23 -12.80 24.92
CA GLU B 43 -23.79 -13.75 23.90
C GLU B 43 -24.15 -13.20 22.53
N VAL B 44 -23.15 -13.09 21.66
CA VAL B 44 -23.35 -12.60 20.31
C VAL B 44 -23.19 -13.77 19.34
N GLU B 45 -23.65 -13.56 18.11
CA GLU B 45 -23.47 -14.56 17.07
C GLU B 45 -21.98 -14.85 16.88
N GLU B 46 -21.65 -16.07 16.48
CA GLU B 46 -20.30 -16.44 16.13
C GLU B 46 -20.24 -16.63 14.61
N GLY B 47 -19.69 -15.64 13.93
CA GLY B 47 -19.58 -15.72 12.49
C GLY B 47 -18.48 -16.66 12.04
N ASP B 48 -18.61 -17.11 10.79
CA ASP B 48 -17.60 -17.92 10.15
C ASP B 48 -17.65 -17.60 8.65
N LYS B 49 -16.83 -18.31 7.87
CA LYS B 49 -16.72 -18.03 6.44
C LYS B 49 -18.08 -17.97 5.73
N PRO B 50 -18.99 -18.93 5.91
CA PRO B 50 -20.30 -18.81 5.24
C PRO B 50 -21.00 -17.49 5.51
N ASP B 51 -21.01 -17.03 6.76
CA ASP B 51 -21.56 -15.72 7.07
C ASP B 51 -20.78 -14.62 6.34
N VAL B 52 -19.45 -14.69 6.39
CA VAL B 52 -18.62 -13.72 5.68
C VAL B 52 -18.96 -13.72 4.19
N ASP B 53 -18.99 -14.91 3.59
CA ASP B 53 -19.39 -15.02 2.19
C ASP B 53 -20.74 -14.37 1.95
N LYS B 54 -21.65 -14.47 2.93
CA LYS B 54 -22.94 -13.82 2.81
C LYS B 54 -22.79 -12.31 2.71
N ALA B 55 -22.06 -11.72 3.67
CA ALA B 55 -21.93 -10.27 3.71
C ALA B 55 -21.24 -9.73 2.46
N VAL B 56 -20.22 -10.41 1.98
CA VAL B 56 -19.53 -9.88 0.77
C VAL B 56 -20.50 -9.87 -0.41
N GLU B 57 -21.25 -10.95 -0.63
CA GLU B 57 -22.18 -10.91 -1.77
C GLU B 57 -23.16 -9.77 -1.54
N ALA B 58 -23.40 -9.37 -0.30
CA ALA B 58 -24.17 -8.15 -0.13
C ALA B 58 -23.48 -6.85 -0.54
N ALA B 59 -22.22 -6.68 -0.10
CA ALA B 59 -21.47 -5.49 -0.48
C ALA B 59 -21.22 -5.45 -1.98
N GLN B 60 -20.94 -6.61 -2.58
CA GLN B 60 -20.76 -6.66 -4.03
C GLN B 60 -21.96 -6.07 -4.76
N VAL B 61 -23.17 -6.44 -4.33
CA VAL B 61 -24.37 -5.93 -4.99
C VAL B 61 -24.64 -4.48 -4.60
N ALA B 62 -24.36 -4.11 -3.34
CA ALA B 62 -24.51 -2.73 -2.95
C ALA B 62 -23.56 -1.82 -3.71
N PHE B 63 -22.44 -2.35 -4.17
CA PHE B 63 -21.46 -1.61 -4.96
C PHE B 63 -21.69 -1.75 -6.46
N GLN B 64 -22.57 -2.66 -6.88
CA GLN B 64 -22.83 -2.89 -8.29
C GLN B 64 -23.10 -1.58 -9.01
N ARG B 65 -22.69 -1.51 -10.28
CA ARG B 65 -22.92 -0.33 -11.09
C ARG B 65 -24.42 -0.07 -11.24
N GLY B 66 -24.86 1.11 -10.85
CA GLY B 66 -26.25 1.48 -10.91
C GLY B 66 -27.04 1.26 -9.64
N SER B 67 -26.44 0.64 -8.63
CA SER B 67 -27.13 0.45 -7.37
C SER B 67 -27.57 1.80 -6.80
N PRO B 68 -28.46 1.78 -5.81
CA PRO B 68 -28.83 3.05 -5.16
C PRO B 68 -27.64 3.76 -4.55
N TRP B 69 -26.64 3.01 -4.08
CA TRP B 69 -25.48 3.61 -3.45
C TRP B 69 -24.57 4.28 -4.49
N ARG B 70 -24.25 3.56 -5.56
CA ARG B 70 -23.34 4.11 -6.57
C ARG B 70 -23.93 5.36 -7.22
N ARG B 71 -25.25 5.37 -7.45
CA ARG B 71 -25.88 6.50 -8.12
C ARG B 71 -25.80 7.78 -7.30
N LEU B 72 -25.75 7.66 -5.98
CA LEU B 72 -25.88 8.82 -5.10
C LEU B 72 -24.93 9.95 -5.50
N ASP B 73 -25.40 11.17 -5.34
CA ASP B 73 -24.53 12.33 -5.45
C ASP B 73 -23.37 12.19 -4.48
N ALA B 74 -22.20 12.72 -4.87
CA ALA B 74 -21.06 12.71 -3.97
C ALA B 74 -21.39 13.46 -2.68
N LEU B 75 -22.22 14.50 -2.76
CA LEU B 75 -22.58 15.25 -1.58
C LEU B 75 -23.67 14.53 -0.78
N SER B 76 -24.65 13.96 -1.47
CA SER B 76 -25.67 13.18 -0.78
C SER B 76 -25.03 12.07 0.06
N ARG B 77 -24.03 11.40 -0.49
CA ARG B 77 -23.28 10.41 0.27
C ARG B 77 -22.57 11.06 1.45
N GLY B 78 -21.90 12.19 1.21
CA GLY B 78 -21.34 12.95 2.32
C GLY B 78 -22.40 13.45 3.28
N ARG B 79 -23.64 13.62 2.80
CA ARG B 79 -24.74 14.02 3.66
C ARG B 79 -25.18 12.89 4.58
N LEU B 80 -24.78 11.65 4.30
CA LEU B 80 -25.14 10.51 5.13
C LEU B 80 -24.16 10.29 6.28
N LEU B 81 -22.86 10.53 6.03
CA LEU B 81 -21.90 10.49 7.12
C LEU B 81 -22.28 11.50 8.19
N HIS B 82 -22.42 12.77 7.82
CA HIS B 82 -23.27 13.68 8.57
C HIS B 82 -24.64 13.03 8.68
N GLN B 83 -25.27 13.16 9.84
CA GLN B 83 -26.55 12.50 10.12
C GLN B 83 -26.34 11.05 10.52
N LEU B 84 -25.16 10.47 10.30
CA LEU B 84 -24.76 9.27 11.01
C LEU B 84 -23.81 9.60 12.14
N ALA B 85 -22.98 10.62 11.94
CA ALA B 85 -22.32 11.28 13.06
C ALA B 85 -23.33 11.99 13.95
N ASP B 86 -24.42 12.50 13.36
CA ASP B 86 -25.50 13.05 14.18
C ASP B 86 -26.06 11.98 15.12
N LEU B 87 -26.40 10.82 14.58
CA LEU B 87 -26.96 9.76 15.40
C LEU B 87 -25.99 9.34 16.51
N VAL B 88 -24.71 9.19 16.17
CA VAL B 88 -23.71 8.89 17.19
C VAL B 88 -23.76 9.95 18.28
N GLU B 89 -23.87 11.23 17.89
CA GLU B 89 -24.03 12.31 18.85
C GLU B 89 -25.19 12.02 19.81
N ARG B 90 -26.34 11.62 19.24
CA ARG B 90 -27.53 11.38 20.06
C ARG B 90 -27.26 10.31 21.10
N ASP B 91 -26.97 9.08 20.66
CA ASP B 91 -26.73 7.95 21.56
C ASP B 91 -25.29 7.91 22.07
N ARG B 92 -24.70 9.07 22.34
CA ARG B 92 -23.31 9.12 22.77
C ARG B 92 -23.13 8.44 24.13
N ALA B 93 -24.10 8.62 25.04
CA ALA B 93 -23.99 7.99 26.35
C ALA B 93 -24.19 6.48 26.25
N THR B 94 -25.06 6.03 25.35
CA THR B 94 -25.29 4.60 25.19
C THR B 94 -24.01 3.89 24.74
N LEU B 95 -23.34 4.43 23.73
CA LEU B 95 -22.17 3.78 23.18
C LEU B 95 -20.99 3.83 24.15
N ALA B 96 -20.74 5.00 24.73
CA ALA B 96 -19.67 5.11 25.73
C ALA B 96 -19.90 4.12 26.85
N ALA B 97 -21.15 3.90 27.25
CA ALA B 97 -21.46 2.89 28.25
C ALA B 97 -21.09 1.50 27.74
N LEU B 98 -21.58 1.14 26.55
CA LEU B 98 -21.24 -0.14 25.96
C LEU B 98 -19.73 -0.34 25.90
N GLU B 99 -19.01 0.70 25.46
CA GLU B 99 -17.56 0.58 25.34
C GLU B 99 -16.90 0.35 26.69
N THR B 100 -17.45 0.92 27.76
CA THR B 100 -16.87 0.72 29.10
C THR B 100 -17.18 -0.68 29.61
N MET B 101 -18.44 -1.11 29.48
CA MET B 101 -18.83 -2.44 29.95
C MET B 101 -17.93 -3.52 29.36
N ASP B 102 -17.60 -3.41 28.08
CA ASP B 102 -16.92 -4.46 27.36
C ASP B 102 -15.40 -4.32 27.39
N THR B 103 -14.88 -3.16 27.79
CA THR B 103 -13.45 -2.90 27.73
C THR B 103 -12.84 -2.45 29.05
N GLY B 104 -13.65 -2.05 30.03
CA GLY B 104 -13.10 -1.50 31.24
C GLY B 104 -12.55 -0.10 31.09
N LYS B 105 -12.92 0.60 30.02
CA LYS B 105 -12.49 1.98 29.84
C LYS B 105 -13.20 2.88 30.84
N PRO B 106 -12.50 3.77 31.51
CA PRO B 106 -13.19 4.75 32.37
C PRO B 106 -14.25 5.50 31.57
N PHE B 107 -15.52 5.39 32.00
CA PHE B 107 -16.60 5.95 31.20
C PHE B 107 -16.35 7.41 30.84
N LEU B 108 -15.60 8.13 31.68
CA LEU B 108 -15.16 9.48 31.30
C LEU B 108 -14.41 9.45 29.98
N HIS B 109 -13.40 8.58 29.88
CA HIS B 109 -12.57 8.54 28.68
C HIS B 109 -13.39 8.14 27.46
N ALA B 110 -14.27 7.15 27.60
CA ALA B 110 -15.07 6.71 26.47
C ALA B 110 -15.94 7.84 25.92
N PHE B 111 -16.32 8.78 26.78
CA PHE B 111 -17.21 9.87 26.35
C PHE B 111 -16.42 10.99 25.69
N PHE B 112 -15.48 11.59 26.41
CA PHE B 112 -14.76 12.76 25.92
C PHE B 112 -13.57 12.41 25.03
N ILE B 113 -13.22 11.13 24.92
CA ILE B 113 -12.08 10.71 24.11
C ILE B 113 -12.56 9.84 22.94
N ASP B 114 -13.05 8.64 23.26
CA ASP B 114 -13.39 7.70 22.20
C ASP B 114 -14.49 8.24 21.31
N LEU B 115 -15.68 8.49 21.87
CA LEU B 115 -16.80 8.95 21.05
C LEU B 115 -16.58 10.36 20.53
N GLU B 116 -15.77 11.17 21.22
CA GLU B 116 -15.37 12.46 20.70
C GLU B 116 -14.62 12.30 19.37
N GLY B 117 -13.50 11.58 19.41
CA GLY B 117 -12.74 11.32 18.19
C GLY B 117 -13.51 10.55 17.14
N CYS B 118 -14.64 9.92 17.53
CA CYS B 118 -15.46 9.21 16.56
C CYS B 118 -16.38 10.16 15.81
N ILE B 119 -17.15 10.97 16.54
CA ILE B 119 -18.01 11.95 15.88
C ILE B 119 -17.18 12.96 15.11
N ARG B 120 -16.03 13.35 15.65
CA ARG B 120 -15.11 14.21 14.91
C ARG B 120 -14.73 13.59 13.57
N THR B 121 -14.25 12.35 13.61
CA THR B 121 -13.80 11.68 12.38
C THR B 121 -14.94 11.56 11.37
N LEU B 122 -16.14 11.21 11.84
CA LEU B 122 -17.27 11.09 10.92
C LEU B 122 -17.56 12.39 10.20
N ARG B 123 -17.23 13.53 10.82
CA ARG B 123 -17.52 14.83 10.20
C ARG B 123 -16.45 15.24 9.21
N TYR B 124 -15.18 15.04 9.57
CA TYR B 124 -14.08 15.41 8.68
C TYR B 124 -14.27 14.80 7.30
N PHE B 125 -14.45 13.48 7.25
CA PHE B 125 -14.60 12.80 5.97
C PHE B 125 -15.97 13.04 5.34
N ALA B 126 -16.97 13.41 6.14
CA ALA B 126 -18.23 13.85 5.55
C ALA B 126 -18.02 15.01 4.61
N GLY B 127 -17.06 15.88 4.91
CA GLY B 127 -16.74 16.98 4.02
C GLY B 127 -15.87 16.59 2.85
N TRP B 128 -15.04 15.56 3.03
CA TRP B 128 -14.17 15.12 1.94
C TRP B 128 -14.94 14.44 0.82
N ALA B 129 -16.19 14.05 1.07
CA ALA B 129 -16.96 13.29 0.08
C ALA B 129 -16.95 13.99 -1.28
N ASP B 130 -17.48 15.20 -1.34
CA ASP B 130 -17.60 15.94 -2.59
C ASP B 130 -16.36 16.76 -2.92
N LYS B 131 -15.24 16.52 -2.22
CA LYS B 131 -13.98 17.17 -2.53
C LYS B 131 -12.89 16.18 -2.90
N ILE B 132 -13.25 14.93 -3.18
CA ILE B 132 -12.31 13.94 -3.68
C ILE B 132 -12.04 14.26 -5.15
N GLN B 133 -10.86 14.78 -5.45
CA GLN B 133 -10.55 15.36 -6.74
C GLN B 133 -9.40 14.63 -7.41
N GLY B 134 -9.59 14.27 -8.68
CA GLY B 134 -8.51 13.77 -9.50
C GLY B 134 -7.72 14.92 -10.10
N LYS B 135 -6.96 14.61 -11.15
CA LYS B 135 -6.10 15.59 -11.79
C LYS B 135 -6.33 15.60 -13.29
N THR B 136 -5.98 16.73 -13.91
CA THR B 136 -5.89 16.86 -15.36
C THR B 136 -4.44 17.15 -15.72
N ILE B 137 -3.88 16.35 -16.62
CA ILE B 137 -2.45 16.34 -16.87
C ILE B 137 -2.14 16.92 -18.25
N PRO B 138 -1.09 17.74 -18.38
CA PRO B 138 -0.65 18.18 -19.72
C PRO B 138 0.25 17.13 -20.36
N THR B 139 0.02 16.87 -21.65
CA THR B 139 0.52 15.64 -22.27
C THR B 139 1.18 15.86 -23.62
N ASP B 140 0.36 16.10 -24.64
CA ASP B 140 0.77 16.48 -25.97
C ASP B 140 -0.25 17.51 -26.41
N ASP B 141 0.00 18.18 -27.54
CA ASP B 141 -0.98 19.19 -27.94
C ASP B 141 -2.32 18.56 -28.28
N ASN B 142 -2.29 17.38 -28.89
CA ASN B 142 -3.49 16.75 -29.45
C ASN B 142 -4.20 15.81 -28.49
N VAL B 143 -3.76 15.72 -27.24
CA VAL B 143 -4.25 14.71 -26.31
C VAL B 143 -4.87 15.37 -25.09
N VAL B 144 -6.01 14.86 -24.67
CA VAL B 144 -6.61 15.17 -23.37
C VAL B 144 -6.26 14.05 -22.42
N CYS B 145 -5.77 14.40 -21.23
CA CYS B 145 -5.38 13.41 -20.24
C CYS B 145 -5.82 13.88 -18.86
N PHE B 146 -6.40 12.96 -18.09
CA PHE B 146 -6.87 13.27 -16.75
C PHE B 146 -7.03 11.96 -15.99
N THR B 147 -7.18 12.08 -14.67
CA THR B 147 -7.28 10.94 -13.79
C THR B 147 -8.54 11.04 -12.93
N ARG B 148 -9.22 9.91 -12.78
CA ARG B 148 -10.37 9.80 -11.89
C ARG B 148 -9.98 8.98 -10.66
N HIS B 149 -10.49 9.39 -9.51
CA HIS B 149 -10.22 8.69 -8.24
C HIS B 149 -11.46 7.89 -7.89
N GLU B 150 -11.52 6.67 -8.40
CA GLU B 150 -12.69 5.81 -8.24
C GLU B 150 -12.64 5.07 -6.91
N PRO B 151 -13.79 4.66 -6.39
CA PRO B 151 -13.80 3.79 -5.21
C PRO B 151 -13.19 2.43 -5.52
N ILE B 152 -12.66 1.78 -4.48
CA ILE B 152 -11.99 0.50 -4.68
C ILE B 152 -13.00 -0.63 -4.76
N GLY B 153 -14.03 -0.61 -3.91
CA GLY B 153 -15.00 -1.67 -3.88
C GLY B 153 -15.24 -2.17 -2.47
N VAL B 154 -15.51 -3.47 -2.34
CA VAL B 154 -15.77 -4.04 -1.02
C VAL B 154 -14.48 -4.01 -0.21
N CYS B 155 -14.49 -3.26 0.90
CA CYS B 155 -13.35 -3.14 1.78
C CYS B 155 -13.67 -3.78 3.12
N GLY B 156 -12.79 -4.68 3.56
CA GLY B 156 -12.96 -5.31 4.86
C GLY B 156 -12.15 -4.60 5.93
N ALA B 157 -12.73 -4.52 7.12
CA ALA B 157 -12.09 -3.88 8.27
C ALA B 157 -12.02 -4.88 9.42
N ILE B 158 -10.89 -4.89 10.11
CA ILE B 158 -10.65 -5.80 11.23
C ILE B 158 -9.97 -5.00 12.33
N THR B 159 -10.69 -4.71 13.41
CA THR B 159 -10.25 -3.78 14.45
C THR B 159 -9.85 -4.49 15.73
N PRO B 160 -9.15 -3.79 16.62
CA PRO B 160 -8.76 -4.41 17.89
C PRO B 160 -9.64 -3.97 19.05
N TRP B 161 -9.33 -4.45 20.26
CA TRP B 161 -10.09 -4.11 21.45
C TRP B 161 -9.63 -2.84 22.15
N ASN B 162 -8.39 -2.41 21.95
CA ASN B 162 -7.89 -1.27 22.70
C ASN B 162 -8.71 -0.01 22.41
N PHE B 163 -9.23 0.12 21.20
CA PHE B 163 -10.15 1.21 20.85
C PHE B 163 -11.15 0.68 19.83
N PRO B 164 -12.13 -0.09 20.29
CA PRO B 164 -13.03 -0.79 19.35
C PRO B 164 -13.74 0.14 18.38
N LEU B 165 -14.52 1.09 18.91
CA LEU B 165 -15.34 1.93 18.03
C LEU B 165 -14.48 2.95 17.28
N LEU B 166 -13.48 3.54 17.95
CA LEU B 166 -12.65 4.54 17.30
C LEU B 166 -11.87 3.94 16.14
N MET B 167 -11.02 2.95 16.44
CA MET B 167 -10.21 2.33 15.38
C MET B 167 -11.07 1.86 14.22
N LEU B 168 -12.30 1.43 14.50
CA LEU B 168 -13.19 1.01 13.41
C LEU B 168 -13.61 2.21 12.56
N VAL B 169 -14.15 3.25 13.21
CA VAL B 169 -14.64 4.41 12.47
C VAL B 169 -13.51 5.01 11.63
N TRP B 170 -12.28 5.02 12.17
CA TRP B 170 -11.15 5.51 11.40
C TRP B 170 -11.12 4.93 9.99
N LYS B 171 -11.63 3.71 9.83
CA LYS B 171 -11.69 3.06 8.53
C LYS B 171 -13.02 3.24 7.83
N LEU B 172 -14.13 3.30 8.58
CA LEU B 172 -15.44 3.42 7.97
C LEU B 172 -15.67 4.82 7.40
N ALA B 173 -15.27 5.85 8.15
CA ALA B 173 -15.46 7.22 7.67
C ALA B 173 -14.84 7.45 6.31
N PRO B 174 -13.53 7.26 6.11
CA PRO B 174 -12.98 7.50 4.76
C PRO B 174 -13.49 6.51 3.72
N ALA B 175 -13.62 5.24 4.07
CA ALA B 175 -14.04 4.24 3.10
C ALA B 175 -15.42 4.54 2.53
N LEU B 176 -16.28 5.21 3.30
CA LEU B 176 -17.64 5.48 2.85
C LEU B 176 -17.79 6.83 2.16
N CYS B 177 -17.02 7.84 2.58
CA CYS B 177 -17.04 9.10 1.84
C CYS B 177 -16.49 8.93 0.43
N CYS B 178 -15.67 7.89 0.20
CA CYS B 178 -15.14 7.60 -1.12
C CYS B 178 -16.09 6.76 -1.96
N GLY B 179 -17.13 6.18 -1.36
CA GLY B 179 -18.12 5.45 -2.13
C GLY B 179 -17.88 3.96 -2.24
N ASN B 180 -17.34 3.33 -1.20
CA ASN B 180 -17.11 1.89 -1.20
C ASN B 180 -18.25 1.20 -0.45
N THR B 181 -18.12 -0.12 -0.29
CA THR B 181 -18.96 -0.91 0.59
C THR B 181 -18.06 -1.75 1.49
N MET B 182 -18.53 -2.01 2.70
CA MET B 182 -17.65 -2.54 3.75
C MET B 182 -18.22 -3.81 4.36
N VAL B 183 -17.31 -4.71 4.74
CA VAL B 183 -17.61 -5.87 5.57
C VAL B 183 -16.69 -5.79 6.77
N LEU B 184 -17.26 -5.60 7.95
CA LEU B 184 -16.50 -5.32 9.17
C LEU B 184 -16.51 -6.53 10.10
N LYS B 185 -15.37 -6.78 10.72
CA LYS B 185 -15.25 -7.79 11.78
C LYS B 185 -14.65 -7.13 13.02
N PRO B 186 -15.43 -6.90 14.06
CA PRO B 186 -14.87 -6.37 15.31
C PRO B 186 -14.24 -7.47 16.14
N ALA B 187 -13.28 -7.06 16.98
CA ALA B 187 -12.67 -8.01 17.90
C ALA B 187 -13.73 -8.65 18.77
N GLU B 188 -13.60 -9.97 18.97
CA GLU B 188 -14.59 -10.68 19.77
C GLU B 188 -14.66 -10.14 21.19
N GLN B 189 -13.53 -9.70 21.73
CA GLN B 189 -13.52 -9.15 23.08
C GLN B 189 -14.42 -7.93 23.22
N THR B 190 -14.70 -7.22 22.11
CA THR B 190 -15.42 -5.95 22.17
C THR B 190 -16.25 -5.79 20.90
N PRO B 191 -17.30 -6.59 20.74
CA PRO B 191 -18.18 -6.45 19.57
C PRO B 191 -19.44 -5.63 19.80
N LEU B 192 -19.67 -5.13 21.01
CA LEU B 192 -20.95 -4.49 21.32
C LEU B 192 -21.13 -3.20 20.53
N THR B 193 -20.20 -2.26 20.65
CA THR B 193 -20.36 -0.98 19.98
C THR B 193 -20.33 -1.13 18.47
N ALA B 194 -19.58 -2.09 17.94
CA ALA B 194 -19.54 -2.30 16.50
C ALA B 194 -20.93 -2.62 15.95
N LEU B 195 -21.68 -3.46 16.66
CA LEU B 195 -23.02 -3.84 16.20
C LEU B 195 -24.03 -2.73 16.44
N TYR B 196 -23.95 -2.05 17.58
CA TYR B 196 -24.86 -0.94 17.83
C TYR B 196 -24.75 0.12 16.73
N LEU B 197 -23.51 0.45 16.35
CA LEU B 197 -23.31 1.35 15.22
C LEU B 197 -24.08 0.86 13.99
N GLY B 198 -24.15 -0.46 13.80
CA GLY B 198 -24.90 -0.99 12.68
C GLY B 198 -26.33 -0.48 12.63
N SER B 199 -26.97 -0.36 13.80
CA SER B 199 -28.31 0.21 13.84
C SER B 199 -28.33 1.62 13.28
N LEU B 200 -27.44 2.48 13.79
CA LEU B 200 -27.40 3.87 13.32
C LEU B 200 -27.11 3.94 11.83
N ILE B 201 -26.23 3.06 11.33
CA ILE B 201 -25.95 3.02 9.90
C ILE B 201 -27.25 2.85 9.11
N LYS B 202 -28.15 2.00 9.60
CA LYS B 202 -29.44 1.84 8.97
C LYS B 202 -30.33 3.07 9.21
N GLU B 203 -30.34 3.58 10.44
CA GLU B 203 -31.16 4.74 10.75
C GLU B 203 -30.71 5.96 9.95
N ALA B 204 -29.41 6.10 9.72
CA ALA B 204 -28.89 7.23 8.95
C ALA B 204 -29.38 7.23 7.51
N GLY B 205 -29.93 6.13 7.03
CA GLY B 205 -30.44 6.04 5.67
C GLY B 205 -29.52 5.42 4.66
N PHE B 206 -28.51 4.66 5.09
CA PHE B 206 -27.59 4.05 4.15
C PHE B 206 -28.29 2.93 3.39
N PRO B 207 -28.00 2.77 2.10
CA PRO B 207 -28.61 1.68 1.34
C PRO B 207 -28.23 0.34 1.96
N PRO B 208 -29.11 -0.65 1.84
CA PRO B 208 -28.81 -1.96 2.44
C PRO B 208 -27.65 -2.64 1.72
N GLY B 209 -26.64 -3.02 2.49
CA GLY B 209 -25.48 -3.72 1.97
C GLY B 209 -24.21 -2.91 1.93
N VAL B 210 -24.32 -1.56 1.93
CA VAL B 210 -23.13 -0.73 1.88
C VAL B 210 -22.21 -0.99 3.07
N VAL B 211 -22.76 -1.49 4.18
CA VAL B 211 -21.97 -1.83 5.36
C VAL B 211 -22.56 -3.08 5.99
N ASN B 212 -21.69 -4.03 6.35
CA ASN B 212 -22.10 -5.26 7.01
C ASN B 212 -21.11 -5.57 8.12
N ILE B 213 -21.61 -6.15 9.20
CA ILE B 213 -20.80 -6.51 10.36
C ILE B 213 -21.04 -7.97 10.68
N VAL B 214 -19.95 -8.73 10.79
CA VAL B 214 -20.03 -10.15 11.14
C VAL B 214 -19.11 -10.39 12.33
N PRO B 215 -19.63 -10.39 13.55
CA PRO B 215 -18.77 -10.67 14.71
C PRO B 215 -18.29 -12.11 14.70
N GLY B 216 -17.09 -12.31 15.23
CA GLY B 216 -16.50 -13.63 15.25
C GLY B 216 -15.06 -13.57 15.72
N PHE B 217 -14.36 -14.67 15.52
CA PHE B 217 -12.99 -14.83 15.97
C PHE B 217 -12.02 -14.54 14.84
N GLY B 218 -10.78 -14.24 15.21
CA GLY B 218 -9.74 -13.92 14.26
C GLY B 218 -9.62 -14.94 13.16
N PRO B 219 -9.23 -16.17 13.51
CA PRO B 219 -9.08 -17.21 12.49
C PRO B 219 -10.38 -17.51 11.75
N THR B 220 -11.52 -17.45 12.44
CA THR B 220 -12.78 -17.87 11.83
C THR B 220 -13.30 -16.84 10.84
N VAL B 221 -13.74 -15.69 11.33
CA VAL B 221 -14.28 -14.65 10.46
C VAL B 221 -13.17 -13.78 9.88
N GLY B 222 -12.16 -13.44 10.70
CA GLY B 222 -11.09 -12.59 10.24
C GLY B 222 -10.40 -13.11 9.01
N ALA B 223 -9.80 -14.30 9.13
CA ALA B 223 -9.07 -14.88 8.00
C ALA B 223 -9.98 -15.06 6.79
N ALA B 224 -11.23 -15.45 7.02
CA ALA B 224 -12.17 -15.61 5.91
C ALA B 224 -12.30 -14.32 5.11
N ILE B 225 -12.14 -13.17 5.75
CA ILE B 225 -12.22 -11.90 5.05
C ILE B 225 -10.92 -11.60 4.31
N SER B 226 -9.79 -11.75 5.00
CA SER B 226 -8.50 -11.41 4.39
C SER B 226 -8.22 -12.20 3.13
N SER B 227 -8.92 -13.32 2.91
CA SER B 227 -8.68 -14.16 1.75
C SER B 227 -9.79 -14.09 0.70
N HIS B 228 -10.99 -13.67 1.08
CA HIS B 228 -12.13 -13.63 0.17
C HIS B 228 -11.72 -13.01 -1.16
N PRO B 229 -11.86 -13.72 -2.28
CA PRO B 229 -11.42 -13.17 -3.56
C PRO B 229 -12.27 -12.02 -4.07
N GLN B 230 -13.38 -11.70 -3.40
CA GLN B 230 -14.26 -10.63 -3.83
C GLN B 230 -14.06 -9.34 -3.04
N ILE B 231 -13.33 -9.37 -1.94
CA ILE B 231 -12.95 -8.16 -1.24
C ILE B 231 -11.72 -7.55 -1.92
N ASN B 232 -11.78 -6.26 -2.19
CA ASN B 232 -10.76 -5.58 -2.98
C ASN B 232 -9.73 -4.84 -2.14
N LYS B 233 -9.95 -4.71 -0.84
CA LYS B 233 -9.04 -3.94 0.01
C LYS B 233 -9.34 -4.27 1.46
N ILE B 234 -8.27 -4.27 2.27
CA ILE B 234 -8.38 -4.60 3.69
C ILE B 234 -7.77 -3.48 4.52
N ALA B 235 -8.30 -3.31 5.73
CA ALA B 235 -7.75 -2.42 6.73
C ALA B 235 -7.65 -3.18 8.04
N PHE B 236 -6.46 -3.22 8.62
CA PHE B 236 -6.20 -4.02 9.81
C PHE B 236 -5.46 -3.19 10.85
N THR B 237 -6.03 -3.08 12.04
CA THR B 237 -5.36 -2.51 13.21
C THR B 237 -5.27 -3.61 14.26
N GLY B 238 -4.05 -4.06 14.55
CA GLY B 238 -3.87 -5.13 15.50
C GLY B 238 -2.42 -5.45 15.81
N SER B 239 -2.13 -6.72 16.07
CA SER B 239 -0.78 -7.14 16.45
C SER B 239 0.10 -7.25 15.22
N THR B 240 1.40 -6.97 15.42
CA THR B 240 2.34 -6.99 14.31
C THR B 240 2.41 -8.35 13.63
N GLU B 241 2.19 -9.42 14.38
CA GLU B 241 2.27 -10.76 13.79
C GLU B 241 1.04 -11.07 12.96
N VAL B 242 -0.16 -10.90 13.53
CA VAL B 242 -1.37 -11.04 12.74
C VAL B 242 -1.33 -10.11 11.53
N GLY B 243 -0.74 -8.93 11.69
CA GLY B 243 -0.56 -8.05 10.55
C GLY B 243 0.25 -8.70 9.45
N LYS B 244 1.32 -9.40 9.81
CA LYS B 244 2.08 -10.15 8.81
C LYS B 244 1.23 -11.22 8.16
N LEU B 245 0.30 -11.81 8.91
CA LEU B 245 -0.55 -12.87 8.36
C LEU B 245 -1.53 -12.31 7.35
N VAL B 246 -2.23 -11.23 7.71
CA VAL B 246 -3.27 -10.69 6.84
C VAL B 246 -2.70 -10.30 5.49
N LYS B 247 -1.66 -9.48 5.49
CA LYS B 247 -1.06 -9.03 4.22
C LYS B 247 -0.61 -10.21 3.39
N GLU B 248 0.01 -11.21 4.02
CA GLU B 248 0.47 -12.38 3.27
C GLU B 248 -0.71 -13.17 2.70
N ALA B 249 -1.79 -13.27 3.46
CA ALA B 249 -2.99 -13.95 2.96
C ALA B 249 -3.56 -13.21 1.76
N ALA B 250 -3.91 -11.92 1.96
CA ALA B 250 -4.40 -11.11 0.85
C ALA B 250 -3.49 -11.20 -0.35
N SER B 251 -2.19 -11.37 -0.13
CA SER B 251 -1.26 -11.55 -1.24
C SER B 251 -1.60 -12.80 -2.03
N ARG B 252 -1.82 -13.92 -1.33
CA ARG B 252 -2.02 -15.20 -2.01
C ARG B 252 -3.34 -15.27 -2.76
N SER B 253 -4.32 -14.47 -2.35
CA SER B 253 -5.71 -14.71 -2.71
C SER B 253 -6.14 -13.95 -3.96
N ASN B 254 -6.13 -12.62 -3.88
CA ASN B 254 -6.49 -11.81 -5.05
C ASN B 254 -5.65 -10.54 -5.14
N LEU B 255 -4.56 -10.43 -4.39
CA LEU B 255 -3.71 -9.25 -4.41
C LEU B 255 -4.45 -8.00 -3.96
N LYS B 256 -5.40 -8.16 -3.04
CA LYS B 256 -6.16 -7.03 -2.54
C LYS B 256 -5.24 -6.06 -1.83
N ARG B 257 -5.60 -4.78 -1.87
CA ARG B 257 -4.80 -3.73 -1.23
C ARG B 257 -5.01 -3.77 0.28
N VAL B 258 -3.91 -3.62 1.02
CA VAL B 258 -3.91 -3.77 2.47
C VAL B 258 -3.23 -2.58 3.11
N THR B 259 -3.79 -2.11 4.22
CA THR B 259 -3.18 -1.09 5.05
C THR B 259 -3.16 -1.59 6.49
N LEU B 260 -2.09 -1.29 7.21
CA LEU B 260 -1.84 -1.88 8.53
C LEU B 260 -1.43 -0.82 9.53
N GLU B 261 -1.88 -1.00 10.78
CA GLU B 261 -1.44 -0.19 11.91
C GLU B 261 -1.22 -1.14 13.07
N LEU B 262 0.01 -1.18 13.59
CA LEU B 262 0.42 -2.27 14.47
C LEU B 262 1.05 -1.83 15.79
N GLY B 263 1.18 -0.53 16.04
CA GLY B 263 1.84 -0.07 17.25
C GLY B 263 3.29 -0.50 17.32
N GLY B 264 4.01 -0.08 18.35
CA GLY B 264 5.41 -0.46 18.45
C GLY B 264 6.07 0.08 19.69
N LYS B 265 7.41 0.12 19.63
CA LYS B 265 8.23 0.53 20.77
C LYS B 265 8.34 2.06 20.81
N ASN B 266 7.20 2.75 20.82
CA ASN B 266 7.13 4.20 20.74
C ASN B 266 8.05 4.87 21.75
N PRO B 267 9.09 5.57 21.30
CA PRO B 267 9.97 6.27 22.22
C PRO B 267 9.38 7.59 22.68
N CYS B 268 9.73 7.96 23.91
CA CYS B 268 9.28 9.21 24.52
C CYS B 268 10.52 9.96 25.02
N ILE B 269 11.17 10.69 24.10
CA ILE B 269 12.39 11.40 24.45
C ILE B 269 12.06 12.63 25.28
N VAL B 270 12.86 12.87 26.32
CA VAL B 270 12.70 14.01 27.21
C VAL B 270 14.08 14.65 27.38
N CYS B 271 14.27 15.82 26.76
CA CYS B 271 15.55 16.50 26.81
C CYS B 271 15.73 17.21 28.15
N ALA B 272 16.96 17.64 28.41
CA ALA B 272 17.29 18.28 29.67
C ALA B 272 16.57 19.62 29.84
N ASP B 273 16.19 20.27 28.75
CA ASP B 273 15.58 21.59 28.83
C ASP B 273 14.08 21.54 28.58
N ALA B 274 13.38 20.62 29.23
CA ALA B 274 11.95 20.46 29.04
C ALA B 274 11.20 20.98 30.26
N ASP B 275 9.91 21.24 30.07
CA ASP B 275 9.01 21.63 31.16
C ASP B 275 8.58 20.33 31.85
N LEU B 276 9.48 19.81 32.69
CA LEU B 276 9.30 18.51 33.32
C LEU B 276 7.88 18.28 33.80
N ASP B 277 7.35 19.20 34.60
CA ASP B 277 5.98 19.07 35.09
C ASP B 277 5.02 18.78 33.94
N LEU B 278 5.35 19.26 32.74
CA LEU B 278 4.61 18.85 31.54
C LEU B 278 5.05 17.47 31.07
N ALA B 279 6.36 17.30 30.85
CA ALA B 279 6.88 16.03 30.36
C ALA B 279 6.41 14.87 31.24
N VAL B 280 6.44 15.05 32.56
CA VAL B 280 5.98 13.99 33.46
C VAL B 280 4.50 13.75 33.28
N GLU B 281 3.70 14.83 33.26
CA GLU B 281 2.25 14.67 33.20
C GLU B 281 1.82 14.02 31.89
N CYS B 282 2.47 14.40 30.78
CA CYS B 282 2.13 13.79 29.49
C CYS B 282 2.73 12.40 29.36
N ALA B 283 4.05 12.27 29.56
CA ALA B 283 4.68 10.96 29.56
C ALA B 283 4.02 10.00 30.55
N HIS B 284 3.32 10.52 31.55
CA HIS B 284 2.55 9.67 32.47
C HIS B 284 1.23 9.16 31.91
N GLN B 285 0.34 10.07 31.51
CA GLN B 285 -0.92 9.63 30.95
C GLN B 285 -0.66 9.16 29.52
N GLY B 286 0.53 9.41 28.98
CA GLY B 286 0.88 8.83 27.70
C GLY B 286 1.21 7.36 27.82
N VAL B 287 1.93 6.99 28.88
CA VAL B 287 2.23 5.59 29.13
C VAL B 287 1.03 4.87 29.70
N PHE B 288 0.35 5.50 30.65
CA PHE B 288 -0.66 4.83 31.46
C PHE B 288 -2.09 5.00 30.93
N PHE B 289 -2.31 5.91 29.97
CA PHE B 289 -3.67 6.21 29.55
C PHE B 289 -4.39 4.97 29.08
N ASN B 290 -5.65 4.83 29.51
CA ASN B 290 -6.50 3.72 29.07
C ASN B 290 -5.96 2.38 29.55
N GLN B 291 -5.63 2.32 30.84
CA GLN B 291 -5.07 1.14 31.48
C GLN B 291 -3.74 0.72 30.84
N GLY B 292 -3.14 1.59 30.03
CA GLY B 292 -1.88 1.30 29.38
C GLY B 292 -2.00 0.71 27.98
N GLN B 293 -3.15 0.16 27.63
CA GLN B 293 -3.33 -0.52 26.35
C GLN B 293 -3.61 0.52 25.26
N CYS B 294 -2.62 0.78 24.42
CA CYS B 294 -2.77 1.72 23.33
C CYS B 294 -1.59 1.55 22.37
N CYS B 295 -1.86 1.80 21.09
CA CYS B 295 -0.80 1.74 20.09
C CYS B 295 0.26 2.80 20.35
N THR B 296 -0.17 4.01 20.72
CA THR B 296 0.73 5.13 20.96
C THR B 296 1.32 5.13 22.35
N ALA B 297 1.14 4.05 23.12
CA ALA B 297 1.70 4.00 24.47
C ALA B 297 3.19 4.27 24.45
N ALA B 298 3.69 4.85 25.53
CA ALA B 298 5.10 5.23 25.64
C ALA B 298 5.87 4.04 26.23
N SER B 299 6.49 3.25 25.37
CA SER B 299 7.25 2.09 25.84
C SER B 299 8.56 2.53 26.49
N ARG B 300 9.40 3.25 25.74
CA ARG B 300 10.72 3.64 26.20
C ARG B 300 10.75 5.15 26.47
N VAL B 301 11.18 5.53 27.67
CA VAL B 301 11.23 6.93 28.08
C VAL B 301 12.69 7.31 28.27
N PHE B 302 13.20 8.12 27.36
CA PHE B 302 14.58 8.59 27.42
C PHE B 302 14.64 9.93 28.15
N VAL B 303 15.69 10.10 28.95
CA VAL B 303 15.90 11.32 29.73
C VAL B 303 17.39 11.62 29.75
N GLU B 304 17.71 12.92 29.75
CA GLU B 304 19.10 13.35 29.77
C GLU B 304 19.65 13.32 31.19
N GLU B 305 20.90 12.88 31.32
CA GLU B 305 21.63 12.77 32.59
C GLU B 305 21.39 14.03 33.42
N GLN B 306 21.19 15.15 32.73
CA GLN B 306 20.99 16.44 33.42
C GLN B 306 19.75 16.38 34.29
N VAL B 307 18.70 15.72 33.83
CA VAL B 307 17.48 15.67 34.68
C VAL B 307 17.03 14.21 34.75
N TYR B 308 17.95 13.27 34.61
CA TYR B 308 17.49 11.89 34.67
C TYR B 308 17.02 11.57 36.08
N SER B 309 17.92 11.69 37.06
CA SER B 309 17.56 11.34 38.43
C SER B 309 16.37 12.15 38.92
N GLU B 310 16.30 13.43 38.56
CA GLU B 310 15.17 14.25 38.97
C GLU B 310 13.87 13.75 38.34
N PHE B 311 13.92 13.35 37.08
CA PHE B 311 12.72 12.87 36.40
C PHE B 311 12.13 11.67 37.12
N VAL B 312 12.93 10.61 37.29
CA VAL B 312 12.43 9.39 37.93
C VAL B 312 11.70 9.70 39.22
N ARG B 313 12.24 10.63 40.01
CA ARG B 313 11.56 11.03 41.24
C ARG B 313 10.20 11.64 40.93
N ARG B 314 10.14 12.56 39.97
CA ARG B 314 8.89 13.22 39.64
C ARG B 314 7.83 12.23 39.18
N SER B 315 8.22 11.30 38.30
CA SER B 315 7.27 10.35 37.75
C SER B 315 6.65 9.49 38.84
N VAL B 316 7.44 9.10 39.84
CA VAL B 316 6.97 8.15 40.85
C VAL B 316 5.68 8.64 41.49
N GLU B 317 5.64 9.91 41.88
CA GLU B 317 4.48 10.42 42.61
C GLU B 317 3.23 10.40 41.73
N TYR B 318 3.34 10.88 40.49
CA TYR B 318 2.21 10.86 39.56
C TYR B 318 1.61 9.46 39.48
N ALA B 319 2.46 8.45 39.26
CA ALA B 319 1.98 7.08 39.11
C ALA B 319 1.13 6.65 40.30
N LYS B 320 1.64 6.85 41.52
CA LYS B 320 0.88 6.49 42.70
C LYS B 320 -0.46 7.21 42.75
N LYS B 321 -0.45 8.52 42.50
CA LYS B 321 -1.68 9.30 42.54
C LYS B 321 -2.70 8.81 41.52
N ARG B 322 -2.27 8.19 40.43
CA ARG B 322 -3.19 7.74 39.40
C ARG B 322 -4.19 6.76 39.99
N PRO B 323 -5.47 7.12 40.05
CA PRO B 323 -6.47 6.24 40.69
C PRO B 323 -6.82 5.06 39.79
N VAL B 324 -6.83 3.87 40.39
CA VAL B 324 -7.25 2.65 39.72
C VAL B 324 -8.52 2.16 40.40
N GLY B 325 -9.48 1.69 39.62
CA GLY B 325 -10.69 1.15 40.22
C GLY B 325 -11.82 1.06 39.20
N ASP B 326 -13.04 1.27 39.71
CA ASP B 326 -14.24 1.05 38.93
C ASP B 326 -14.22 1.90 37.66
N PRO B 327 -14.52 1.32 36.49
CA PRO B 327 -14.62 2.15 35.28
C PRO B 327 -15.70 3.20 35.36
N PHE B 328 -16.93 2.81 35.72
CA PHE B 328 -18.01 3.78 35.87
C PHE B 328 -17.80 4.73 37.04
N ASP B 329 -16.66 4.62 37.74
CA ASP B 329 -16.31 5.59 38.75
C ASP B 329 -15.91 6.91 38.08
N VAL B 330 -16.41 8.02 38.65
CA VAL B 330 -16.15 9.33 38.05
C VAL B 330 -14.78 9.87 38.36
N LYS B 331 -14.04 9.26 39.29
CA LYS B 331 -12.72 9.73 39.69
C LYS B 331 -11.61 8.79 39.23
N THR B 332 -11.89 7.90 38.28
CA THR B 332 -10.91 6.94 37.80
C THR B 332 -10.21 7.45 36.55
N GLU B 333 -9.02 6.92 36.31
CA GLU B 333 -8.27 7.20 35.09
C GLU B 333 -7.81 5.89 34.48
N GLN B 334 -7.64 4.87 35.31
CA GLN B 334 -7.24 3.54 34.88
C GLN B 334 -8.11 2.50 35.56
N GLY B 335 -8.72 1.63 34.78
CA GLY B 335 -9.54 0.57 35.31
C GLY B 335 -8.83 -0.77 35.27
N PRO B 336 -9.55 -1.81 34.86
CA PRO B 336 -8.94 -3.14 34.75
C PRO B 336 -8.26 -3.35 33.40
N GLN B 337 -7.43 -4.39 33.35
CA GLN B 337 -6.88 -4.83 32.08
C GLN B 337 -7.94 -5.59 31.29
N ILE B 338 -7.62 -5.91 30.04
CA ILE B 338 -8.61 -6.43 29.12
C ILE B 338 -9.05 -7.84 29.52
N ASP B 339 -8.17 -8.82 29.39
CA ASP B 339 -8.54 -10.22 29.63
C ASP B 339 -7.41 -10.90 30.39
N GLN B 340 -7.36 -12.23 30.30
CA GLN B 340 -6.53 -13.04 31.18
C GLN B 340 -5.07 -13.08 30.71
N LYS B 341 -4.82 -13.74 29.57
CA LYS B 341 -3.45 -13.82 29.07
C LYS B 341 -2.79 -12.45 28.96
N GLN B 342 -3.60 -11.39 28.86
CA GLN B 342 -3.06 -10.04 28.97
C GLN B 342 -2.65 -9.74 30.41
N PHE B 343 -3.58 -9.92 31.35
CA PHE B 343 -3.26 -9.73 32.77
C PHE B 343 -2.05 -10.56 33.17
N ASP B 344 -1.96 -11.79 32.66
CA ASP B 344 -0.79 -12.62 32.93
C ASP B 344 0.43 -12.11 32.18
N LYS B 345 0.27 -11.86 30.88
CA LYS B 345 1.41 -11.43 30.07
C LYS B 345 2.05 -10.17 30.64
N ILE B 346 1.24 -9.18 31.00
CA ILE B 346 1.78 -7.95 31.58
C ILE B 346 2.54 -8.25 32.86
N LEU B 347 1.89 -8.94 33.81
CA LEU B 347 2.54 -9.28 35.07
C LEU B 347 3.82 -10.07 34.85
N GLU B 348 3.96 -10.75 33.72
CA GLU B 348 5.18 -11.49 33.40
C GLU B 348 6.37 -10.54 33.33
N LEU B 349 6.40 -9.69 32.31
CA LEU B 349 7.55 -8.81 32.10
C LEU B 349 7.80 -7.89 33.28
N ILE B 350 6.79 -7.63 34.12
CA ILE B 350 7.02 -6.85 35.33
C ILE B 350 8.15 -7.46 36.13
N GLU B 351 8.01 -8.74 36.49
CA GLU B 351 9.10 -9.44 37.16
C GLU B 351 10.30 -9.59 36.25
N SER B 352 10.08 -9.69 34.94
CA SER B 352 11.19 -9.66 33.99
C SER B 352 12.02 -8.40 34.17
N GLY B 353 11.40 -7.30 34.60
CA GLY B 353 12.13 -6.10 34.94
C GLY B 353 12.84 -6.23 36.27
N LYS B 354 12.11 -6.70 37.29
CA LYS B 354 12.73 -6.99 38.58
C LYS B 354 13.91 -7.91 38.35
N LYS B 355 13.65 -9.09 37.77
CA LYS B 355 14.65 -10.12 37.54
C LYS B 355 15.84 -9.83 36.61
N GLU B 356 15.67 -8.82 35.75
CA GLU B 356 16.76 -8.28 34.96
C GLU B 356 17.64 -7.07 35.28
N GLY B 357 17.45 -6.46 36.46
CA GLY B 357 18.28 -5.36 36.90
C GLY B 357 17.61 -4.00 36.90
N ALA B 358 16.34 -3.91 36.52
CA ALA B 358 15.65 -2.63 36.45
C ALA B 358 15.18 -2.21 37.85
N LYS B 359 15.71 -1.09 38.34
CA LYS B 359 15.31 -0.56 39.64
C LYS B 359 13.83 -0.21 39.65
N LEU B 360 13.03 -1.02 40.34
CA LEU B 360 11.61 -0.69 40.47
C LEU B 360 11.44 0.58 41.29
N GLU B 361 10.29 1.20 41.14
CA GLU B 361 10.02 2.47 41.83
C GLU B 361 8.65 2.50 42.48
N CYS B 362 7.63 1.93 41.85
CA CYS B 362 6.27 1.99 42.39
C CYS B 362 5.45 0.82 41.86
N GLY B 363 4.86 0.04 42.77
CA GLY B 363 3.86 -0.95 42.43
C GLY B 363 4.35 -2.20 41.70
N GLY B 364 5.11 -3.03 42.41
CA GLY B 364 5.73 -4.19 41.76
C GLY B 364 4.75 -5.24 41.26
N SER B 365 3.60 -5.38 41.92
CA SER B 365 2.65 -6.43 41.55
C SER B 365 1.21 -5.92 41.49
N ALA B 366 0.25 -6.84 41.38
CA ALA B 366 -1.14 -6.45 41.16
C ALA B 366 -1.83 -6.16 42.49
N MET B 367 -3.13 -5.89 42.41
CA MET B 367 -3.94 -5.51 43.56
C MET B 367 -5.40 -5.80 43.22
N GLU B 368 -6.25 -5.73 44.25
CA GLU B 368 -7.70 -5.81 44.06
C GLU B 368 -8.07 -7.05 43.25
N ASP B 369 -7.78 -8.22 43.84
CA ASP B 369 -7.73 -9.45 43.06
C ASP B 369 -9.07 -9.81 42.43
N LYS B 370 -10.18 -9.19 42.87
CA LYS B 370 -11.47 -9.56 42.28
C LYS B 370 -11.46 -9.34 40.78
N GLY B 371 -10.96 -8.20 40.33
CA GLY B 371 -10.88 -7.86 38.94
C GLY B 371 -9.47 -7.96 38.40
N LEU B 372 -9.26 -7.35 37.23
CA LEU B 372 -7.95 -7.40 36.60
C LEU B 372 -7.26 -6.03 36.64
N PHE B 373 -7.06 -5.49 37.83
CA PHE B 373 -6.36 -4.23 38.02
C PHE B 373 -4.90 -4.50 38.36
N ILE B 374 -4.02 -3.64 37.85
CA ILE B 374 -2.58 -3.73 38.09
C ILE B 374 -2.10 -2.44 38.73
N LYS B 375 -1.18 -2.55 39.67
CA LYS B 375 -0.59 -1.36 40.28
C LYS B 375 0.25 -0.63 39.24
N PRO B 376 -0.01 0.65 38.99
CA PRO B 376 0.82 1.40 38.03
C PRO B 376 2.29 1.33 38.42
N THR B 377 3.09 0.71 37.57
CA THR B 377 4.49 0.44 37.86
C THR B 377 5.39 1.44 37.16
N VAL B 378 6.56 1.68 37.76
CA VAL B 378 7.58 2.55 37.22
C VAL B 378 8.92 1.85 37.37
N PHE B 379 9.80 2.02 36.38
CA PHE B 379 11.11 1.37 36.39
C PHE B 379 12.19 2.38 36.07
N SER B 380 13.35 2.21 36.70
CA SER B 380 14.51 3.07 36.53
C SER B 380 15.70 2.25 36.05
N GLU B 381 16.82 2.94 35.80
CA GLU B 381 18.06 2.30 35.36
C GLU B 381 17.86 1.34 34.19
N VAL B 382 16.79 1.54 33.41
CA VAL B 382 16.50 0.65 32.31
C VAL B 382 17.55 0.78 31.22
N THR B 383 17.88 -0.35 30.56
CA THR B 383 18.88 -0.39 29.50
C THR B 383 18.31 -1.02 28.24
N ASP B 384 18.98 -0.76 27.11
CA ASP B 384 18.41 -1.02 25.78
C ASP B 384 18.05 -2.47 25.53
N ASN B 385 18.86 -3.42 25.98
CA ASN B 385 18.58 -4.81 25.64
C ASN B 385 17.95 -5.54 26.82
N MET B 386 17.09 -4.83 27.56
CA MET B 386 16.32 -5.45 28.62
C MET B 386 15.03 -5.94 27.99
N ARG B 387 14.14 -6.53 28.78
CA ARG B 387 12.82 -6.91 28.29
C ARG B 387 11.73 -5.86 28.34
N ILE B 388 11.58 -5.18 29.48
CA ILE B 388 10.59 -4.11 29.59
C ILE B 388 10.87 -3.03 28.55
N ALA B 389 12.14 -2.79 28.24
CA ALA B 389 12.51 -1.76 27.28
C ALA B 389 12.53 -2.25 25.84
N LYS B 390 12.68 -3.56 25.63
CA LYS B 390 12.81 -4.10 24.29
C LYS B 390 11.51 -4.60 23.70
N GLU B 391 10.47 -4.80 24.52
CA GLU B 391 9.25 -5.45 24.09
C GLU B 391 8.09 -4.45 24.07
N GLU B 392 6.92 -4.97 23.71
CA GLU B 392 5.68 -4.19 23.63
C GLU B 392 4.78 -4.56 24.80
N ILE B 393 5.15 -4.09 25.99
CA ILE B 393 4.23 -4.20 27.12
C ILE B 393 2.94 -3.48 26.78
N PHE B 394 1.90 -3.77 27.56
CA PHE B 394 0.63 -3.10 27.35
C PHE B 394 0.16 -2.43 28.64
N GLY B 395 0.10 -3.20 29.73
CA GLY B 395 -0.30 -2.66 31.01
C GLY B 395 0.56 -1.48 31.43
N PRO B 396 0.15 -0.80 32.51
CA PRO B 396 0.94 0.35 32.98
C PRO B 396 2.34 -0.06 33.42
N VAL B 397 3.32 0.38 32.65
CA VAL B 397 4.73 0.21 32.96
C VAL B 397 5.49 1.36 32.29
N GLN B 398 6.35 2.02 33.04
CA GLN B 398 7.08 3.20 32.55
C GLN B 398 8.57 2.98 32.73
N PRO B 399 9.19 2.17 31.87
CA PRO B 399 10.64 1.98 31.92
C PRO B 399 11.35 3.25 31.45
N ILE B 400 12.13 3.85 32.35
CA ILE B 400 12.83 5.11 32.09
C ILE B 400 14.30 4.79 31.87
N LEU B 401 14.89 5.37 30.83
CA LEU B 401 16.27 5.15 30.47
C LEU B 401 17.06 6.45 30.58
N LYS B 402 18.37 6.34 30.41
CA LYS B 402 19.28 7.46 30.43
C LYS B 402 19.83 7.71 29.03
N PHE B 403 20.05 8.98 28.71
CA PHE B 403 20.72 9.33 27.47
C PHE B 403 21.46 10.65 27.67
N LYS B 404 22.38 10.93 26.76
CA LYS B 404 23.38 11.96 26.99
C LYS B 404 23.45 12.96 25.83
N SER B 405 23.74 12.47 24.64
CA SER B 405 23.80 13.30 23.45
C SER B 405 22.52 13.16 22.64
N ILE B 406 22.23 14.19 21.83
CA ILE B 406 21.08 14.13 20.94
C ILE B 406 21.27 13.03 19.90
N GLU B 407 22.48 12.92 19.36
CA GLU B 407 22.76 11.83 18.42
C GLU B 407 22.65 10.47 19.09
N GLU B 408 22.97 10.39 20.38
CA GLU B 408 22.84 9.13 21.09
C GLU B 408 21.39 8.64 21.08
N VAL B 409 20.44 9.53 21.38
CA VAL B 409 19.04 9.12 21.45
C VAL B 409 18.45 8.99 20.06
N ILE B 410 18.92 9.78 19.09
CA ILE B 410 18.47 9.60 17.71
C ILE B 410 18.79 8.19 17.23
N LYS B 411 20.01 7.72 17.52
CA LYS B 411 20.40 6.36 17.15
C LYS B 411 19.64 5.33 17.98
N ARG B 412 19.64 5.50 19.31
CA ARG B 412 19.00 4.52 20.19
C ARG B 412 17.49 4.50 19.99
N ALA B 413 16.90 5.61 19.56
CA ALA B 413 15.45 5.64 19.37
C ALA B 413 15.05 4.88 18.11
N ASN B 414 15.81 5.02 17.03
CA ASN B 414 15.55 4.29 15.80
C ASN B 414 16.09 2.86 15.82
N SER B 415 16.68 2.44 16.94
CA SER B 415 17.25 1.09 17.06
C SER B 415 16.21 -0.01 16.93
N THR B 416 14.93 0.31 16.83
CA THR B 416 13.86 -0.68 16.80
C THR B 416 13.35 -0.86 15.37
N ASP B 417 12.23 -1.55 15.24
CA ASP B 417 11.54 -1.74 13.97
C ASP B 417 10.13 -1.16 13.99
N TYR B 418 9.77 -0.44 15.05
CA TYR B 418 8.39 -0.02 15.31
C TYR B 418 8.36 1.50 15.42
N GLY B 419 8.37 2.17 14.27
CA GLY B 419 8.28 3.62 14.24
C GLY B 419 6.88 4.12 14.02
N LEU B 420 6.04 4.03 15.04
CA LEU B 420 4.65 4.49 14.95
C LEU B 420 4.47 5.91 15.48
N THR B 421 4.90 6.16 16.72
CA THR B 421 4.79 7.48 17.32
C THR B 421 6.02 7.75 18.17
N ALA B 422 6.33 9.03 18.34
CA ALA B 422 7.49 9.44 19.14
C ALA B 422 7.21 10.82 19.72
N ALA B 423 7.28 10.93 21.04
CA ALA B 423 7.13 12.20 21.72
C ALA B 423 8.49 12.81 22.01
N VAL B 424 8.53 14.14 22.10
CA VAL B 424 9.77 14.87 22.36
C VAL B 424 9.41 16.13 23.12
N PHE B 425 10.06 16.35 24.27
CA PHE B 425 9.77 17.47 25.14
C PHE B 425 11.03 18.32 25.29
N THR B 426 11.01 19.50 24.67
CA THR B 426 12.09 20.47 24.80
C THR B 426 11.50 21.85 24.59
N LYS B 427 12.06 22.83 25.30
CA LYS B 427 11.82 24.23 24.98
C LYS B 427 12.73 24.73 23.87
N ASN B 428 13.68 23.92 23.43
CA ASN B 428 14.64 24.34 22.43
C ASN B 428 14.06 24.22 21.03
N LEU B 429 14.53 25.09 20.13
CA LEU B 429 14.02 25.10 18.76
C LEU B 429 14.73 24.06 17.90
N ASP B 430 16.06 24.05 17.91
CA ASP B 430 16.80 23.12 17.07
C ASP B 430 16.69 21.69 17.58
N LYS B 431 16.83 21.50 18.90
CA LYS B 431 16.64 20.17 19.46
C LYS B 431 15.28 19.61 19.11
N ALA B 432 14.25 20.47 19.11
CA ALA B 432 12.90 20.00 18.80
C ALA B 432 12.77 19.59 17.35
N LEU B 433 13.39 20.34 16.43
CA LEU B 433 13.24 20.06 15.01
C LEU B 433 14.24 18.99 14.55
N LYS B 434 15.51 19.12 14.96
CA LYS B 434 16.50 18.12 14.58
C LYS B 434 16.05 16.72 14.98
N LEU B 435 15.45 16.58 16.16
CA LEU B 435 14.90 15.30 16.57
C LEU B 435 13.75 14.88 15.67
N ALA B 436 12.78 15.78 15.49
CA ALA B 436 11.60 15.44 14.68
C ALA B 436 11.98 15.01 13.28
N SER B 437 13.11 15.50 12.76
CA SER B 437 13.51 15.15 11.39
C SER B 437 14.09 13.75 11.32
N ALA B 438 15.01 13.42 12.22
CA ALA B 438 15.73 12.15 12.16
C ALA B 438 14.98 11.00 12.81
N LEU B 439 14.00 11.28 13.67
CA LEU B 439 13.23 10.22 14.30
C LEU B 439 12.35 9.53 13.25
N GLU B 440 12.42 8.20 13.21
CA GLU B 440 11.73 7.41 12.19
C GLU B 440 10.34 6.95 12.61
N SER B 441 9.58 7.81 13.29
CA SER B 441 8.22 7.51 13.67
C SER B 441 7.24 8.12 12.66
N GLY B 442 6.11 7.44 12.46
CA GLY B 442 5.09 7.97 11.58
C GLY B 442 4.48 9.25 12.10
N THR B 443 4.47 9.43 13.42
CA THR B 443 4.00 10.64 14.06
C THR B 443 4.99 11.07 15.12
N VAL B 444 5.17 12.39 15.28
CA VAL B 444 6.12 12.91 16.23
C VAL B 444 5.50 14.06 17.02
N TRP B 445 4.96 13.78 18.18
CA TRP B 445 4.44 14.82 19.05
C TRP B 445 5.59 15.57 19.71
N ILE B 446 5.36 16.84 20.02
CA ILE B 446 6.37 17.70 20.63
C ILE B 446 5.68 18.56 21.68
N ASN B 447 6.10 18.42 22.93
CA ASN B 447 5.46 19.12 24.05
C ASN B 447 3.99 18.72 24.17
N CYS B 448 3.71 17.44 23.97
CA CYS B 448 2.34 16.92 24.03
C CYS B 448 2.39 15.43 23.73
N TYR B 449 1.27 14.76 24.00
CA TYR B 449 1.12 13.34 23.76
C TYR B 449 -0.33 13.03 23.45
N ASN B 450 -0.55 12.07 22.56
CA ASN B 450 -1.90 11.66 22.16
C ASN B 450 -2.66 12.82 21.52
N ALA B 451 -1.99 13.51 20.60
CA ALA B 451 -2.59 14.64 19.90
C ALA B 451 -2.97 14.22 18.48
N LEU B 452 -4.05 13.46 18.40
CA LEU B 452 -4.58 12.97 17.14
C LEU B 452 -5.70 13.90 16.66
N TYR B 453 -5.75 14.11 15.34
CA TYR B 453 -6.78 14.92 14.73
C TYR B 453 -7.28 14.22 13.47
N ALA B 454 -8.58 14.33 13.23
CA ALA B 454 -9.17 13.76 12.02
C ALA B 454 -8.59 14.42 10.78
N GLN B 455 -7.77 15.46 10.97
CA GLN B 455 -7.11 16.15 9.88
C GLN B 455 -5.69 15.67 9.63
N ALA B 456 -4.98 15.23 10.67
CA ALA B 456 -3.59 14.79 10.56
C ALA B 456 -3.51 13.27 10.41
N PRO B 457 -2.67 12.77 9.52
CA PRO B 457 -2.60 11.33 9.28
C PRO B 457 -1.88 10.59 10.39
N PHE B 458 -2.27 9.33 10.57
CA PHE B 458 -1.71 8.46 11.60
C PHE B 458 -1.34 7.13 10.96
N GLY B 459 -0.06 6.77 11.04
CA GLY B 459 0.41 5.55 10.41
C GLY B 459 1.76 5.15 10.98
N GLY B 460 2.26 4.01 10.51
CA GLY B 460 3.45 3.39 11.05
C GLY B 460 4.61 3.42 10.07
N PHE B 461 5.79 3.71 10.60
CA PHE B 461 7.05 3.55 9.88
C PHE B 461 7.52 2.11 10.03
N LYS B 462 8.45 1.71 9.16
CA LYS B 462 9.11 0.39 9.24
C LYS B 462 8.03 -0.67 9.41
N MET B 463 8.11 -1.50 10.46
CA MET B 463 7.15 -2.58 10.70
C MET B 463 5.98 -2.15 11.58
N SER B 464 5.57 -0.89 11.52
CA SER B 464 4.43 -0.44 12.29
C SER B 464 3.17 -0.26 11.45
N GLY B 465 3.28 -0.31 10.13
CA GLY B 465 2.10 -0.22 9.29
C GLY B 465 2.47 0.08 7.85
N ASN B 466 1.43 0.08 7.02
CA ASN B 466 1.54 0.42 5.60
C ASN B 466 0.45 1.45 5.29
N GLY B 467 0.86 2.63 4.85
CA GLY B 467 -0.10 3.68 4.57
C GLY B 467 -0.52 4.42 5.83
N ARG B 468 -1.44 5.37 5.64
CA ARG B 468 -1.88 6.24 6.72
C ARG B 468 -3.39 6.23 6.84
N GLU B 469 -3.87 6.47 8.05
CA GLU B 469 -5.28 6.73 8.34
C GLU B 469 -5.38 8.15 8.88
N LEU B 470 -6.60 8.68 8.87
CA LEU B 470 -6.92 9.84 9.70
C LEU B 470 -6.44 11.16 9.09
N GLY B 471 -6.18 11.17 7.79
CA GLY B 471 -5.82 12.41 7.13
C GLY B 471 -6.50 12.57 5.79
N GLU B 472 -6.05 13.56 5.04
CA GLU B 472 -6.41 13.54 3.64
C GLU B 472 -5.71 12.40 2.93
N TYR B 473 -4.54 11.99 3.45
CA TYR B 473 -3.85 10.83 2.91
C TYR B 473 -4.67 9.55 3.05
N ALA B 474 -5.67 9.54 3.95
CA ALA B 474 -6.49 8.35 4.14
C ALA B 474 -7.27 8.00 2.88
N LEU B 475 -7.61 9.01 2.07
CA LEU B 475 -8.38 8.75 0.86
C LEU B 475 -7.60 7.91 -0.14
N ALA B 476 -6.27 8.05 -0.17
CA ALA B 476 -5.46 7.27 -1.09
C ALA B 476 -5.69 5.78 -0.90
N GLU B 477 -5.95 5.33 0.33
CA GLU B 477 -6.13 3.92 0.61
C GLU B 477 -7.52 3.41 0.25
N TYR B 478 -8.46 4.30 -0.08
CA TYR B 478 -9.83 3.91 -0.41
C TYR B 478 -10.23 4.38 -1.81
N THR B 479 -9.26 4.57 -2.69
CA THR B 479 -9.53 4.97 -4.06
C THR B 479 -8.46 4.40 -4.98
N GLU B 480 -8.88 4.01 -6.19
CA GLU B 480 -7.97 3.52 -7.21
C GLU B 480 -7.87 4.56 -8.32
N VAL B 481 -6.64 4.84 -8.74
CA VAL B 481 -6.41 5.87 -9.76
C VAL B 481 -6.64 5.28 -11.14
N LYS B 482 -7.30 6.04 -12.00
CA LYS B 482 -7.54 5.65 -13.38
C LYS B 482 -7.06 6.77 -14.30
N THR B 483 -6.17 6.42 -15.23
CA THR B 483 -5.70 7.37 -16.23
C THR B 483 -6.58 7.28 -17.48
N VAL B 484 -7.02 8.43 -17.97
CA VAL B 484 -7.83 8.52 -19.19
C VAL B 484 -7.09 9.39 -20.18
N THR B 485 -6.78 8.84 -21.35
CA THR B 485 -6.00 9.52 -22.36
C THR B 485 -6.73 9.43 -23.69
N ILE B 486 -7.13 10.58 -24.23
CA ILE B 486 -7.92 10.66 -25.45
C ILE B 486 -7.10 11.34 -26.53
N LYS B 487 -7.06 10.74 -27.71
CA LYS B 487 -6.40 11.33 -28.87
C LYS B 487 -7.46 11.85 -29.83
N LEU B 488 -7.21 13.02 -30.42
CA LEU B 488 -8.18 13.73 -31.22
C LEU B 488 -7.71 13.80 -32.68
N GLY B 489 -8.66 13.65 -33.60
CA GLY B 489 -8.35 13.62 -35.01
C GLY B 489 -7.85 14.94 -35.57
PA NAD C . 8.62 -13.32 -14.09
O1A NAD C . 7.64 -13.34 -12.92
O2A NAD C . 8.98 -14.73 -14.57
O5B NAD C . 10.03 -12.51 -13.61
C5B NAD C . 9.90 -11.13 -13.41
C4B NAD C . 11.07 -10.63 -12.51
O4B NAD C . 10.93 -11.12 -11.30
C3B NAD C . 12.39 -11.15 -13.05
O3B NAD C . 13.27 -10.13 -13.17
C2B NAD C . 12.92 -12.18 -12.00
O2B NAD C . 14.41 -11.96 -11.79
C1B NAD C . 12.26 -11.97 -10.93
N9A NAD C . 11.79 -13.22 -10.32
C8A NAD C . 11.47 -14.35 -10.97
N7A NAD C . 11.08 -15.27 -10.06
C5A NAD C . 11.17 -14.69 -8.85
C6A NAD C . 10.90 -15.17 -7.58
N6A NAD C . 10.41 -16.49 -7.09
N1A NAD C . 11.06 -14.37 -6.52
C2A NAD C . 11.49 -13.10 -6.68
N3A NAD C . 11.77 -12.63 -7.94
C4A NAD C . 11.59 -13.42 -9.01
O3 NAD C . 7.99 -12.46 -15.36
PN NAD C . 8.86 -12.33 -16.74
O1N NAD C . 10.28 -11.89 -16.39
O2N NAD C . 8.21 -11.37 -17.70
O5D NAD C . 8.87 -13.84 -17.42
C5D NAD C . 7.61 -14.47 -17.54
C4D NAD C . 7.64 -15.87 -16.73
O4D NAD C . 6.48 -16.46 -16.86
C3D NAD C . 8.68 -16.80 -17.33
O3D NAD C . 9.28 -17.49 -16.38
C2D NAD C . 7.81 -17.76 -18.20
O2D NAD C . 8.55 -19.04 -18.45
C1D NAD C . 6.82 -17.96 -17.40
N1N NAD C . 5.70 -18.59 -18.11
C2N NAD C . 5.59 -19.96 -18.05
C3N NAD C . 4.55 -20.62 -18.71
C7N NAD C . 4.47 -22.14 -18.64
O7N NAD C . 4.85 -22.71 -17.65
N7N NAD C . 3.94 -22.90 -19.77
C4N NAD C . 3.64 -19.91 -19.41
C5N NAD C . 3.74 -18.54 -19.46
C6N NAD C . 4.79 -17.88 -18.80
C1 GOL D . 9.79 19.13 5.11
O1 GOL D . 10.64 20.14 5.53
C2 GOL D . 10.22 18.64 3.69
O2 GOL D . 11.38 17.90 3.69
C3 GOL D . 8.96 17.82 3.29
O3 GOL D . 9.23 17.20 2.06
H11 GOL D . 8.88 19.42 5.07
H12 GOL D . 9.81 18.37 5.72
HO1 GOL D . 10.39 20.37 6.30
H2 GOL D . 10.42 19.37 3.08
HO2 GOL D . 11.30 17.31 4.29
H31 GOL D . 8.20 18.43 3.25
H32 GOL D . 8.76 17.20 4.00
HO3 GOL D . 9.39 17.82 1.51
C02 KXT E . 6.66 7.16 -29.68
C03 KXT E . 5.92 6.71 -28.59
C05 KXT E . 6.44 6.62 -26.15
C06 KXT E . 7.39 6.91 -25.18
C07 KXT E . 8.60 7.48 -25.55
C08 KXT E . 8.82 7.74 -26.90
C09 KXT E . 7.81 7.42 -27.84
C10 KXT E . 6.28 7.17 -31.01
C11 KXT E . 6.70 6.15 -31.85
C12 KXT E . 6.32 6.16 -33.18
C13 KXT E . 5.53 7.18 -33.68
C14 KXT E . 5.11 8.19 -32.83
C15 KXT E . 5.49 8.19 -31.50
C16 KXT E . 7.17 6.65 -23.84
C17 KXT E . 7.39 5.37 -23.33
C18 KXT E . 7.17 5.11 -22.00
C19 KXT E . 6.72 6.11 -21.15
C20 KXT E . 6.50 7.38 -21.65
C21 KXT E . 6.72 7.65 -22.99
N01 KXT E . 7.81 7.60 -29.19
N04 KXT E . 6.68 6.89 -27.47
H031 KXT E . 5.06 6.34 -28.63
H051 KXT E . 5.62 6.24 -25.91
H071 KXT E . 9.26 7.68 -24.93
H081 KXT E . 9.61 8.12 -27.18
H111 KXT E . 7.24 5.47 -31.52
H121 KXT E . 6.61 5.47 -33.75
H131 KXT E . 5.28 7.18 -34.57
H141 KXT E . 4.57 8.88 -33.16
H151 KXT E . 5.21 8.88 -30.94
H171 KXT E . 7.70 4.70 -23.90
H181 KXT E . 7.32 4.25 -21.66
H191 KXT E . 6.57 5.93 -20.25
H201 KXT E . 6.20 8.06 -21.09
H211 KXT E . 6.57 8.51 -23.33
C1 GOL F . 0.72 -3.92 -0.73
O1 GOL F . 1.37 -3.28 0.34
C2 GOL F . -0.52 -3.11 -1.12
O2 GOL F . -1.50 -3.13 -0.14
C3 GOL F . 0.02 -1.69 -1.40
O3 GOL F . -1.08 -0.83 -1.36
H11 GOL F . 0.45 -4.83 -0.50
H12 GOL F . 1.30 -4.02 -1.50
HO1 GOL F . 2.20 -3.46 0.27
H2 GOL F . -0.95 -3.47 -1.92
HO2 GOL F . -2.03 -2.50 -0.29
H31 GOL F . 0.48 -1.69 -2.24
H32 GOL F . 0.69 -1.48 -0.73
HO3 GOL F . -0.95 -0.24 -1.96
PA NAD G . -4.81 -9.22 17.53
O1A NAD G . -3.84 -9.35 16.35
O2A NAD G . -4.85 -10.52 18.34
O5B NAD G . -6.35 -8.87 16.96
C5B NAD G . -6.45 -7.86 15.97
C4B NAD G . -7.72 -8.14 15.11
O4B NAD G . -7.41 -8.98 14.16
C3B NAD G . -8.77 -8.81 15.97
O3B NAD G . -9.99 -8.27 15.73
C2B NAD G . -8.76 -10.31 15.53
O2B NAD G . -10.17 -10.87 15.60
C1B NAD G . -8.32 -10.31 14.32
N9A NAD G . -7.48 -11.48 14.06
C8A NAD G . -6.74 -12.14 14.98
N7A NAD G . -6.12 -13.15 14.36
C5A NAD G . -6.47 -13.12 13.06
C6A NAD G . -6.12 -13.92 11.99
N6A NAD G . -5.22 -15.10 11.88
N1A NAD G . -6.61 -13.66 10.77
C2A NAD G . -7.46 -12.62 10.60
N3A NAD G . -7.82 -11.83 11.66
C4A NAD G . -7.31 -12.07 12.87
O3 NAD G . -4.31 -7.97 18.52
PN NAD G . -4.80 -7.86 20.09
O1N NAD G . -6.25 -7.41 20.11
O2N NAD G . -3.93 -6.88 20.82
O5D NAD G . -4.66 -9.35 20.79
C5D NAD G . -3.37 -9.75 21.20
C4D NAD G . -3.54 -11.21 21.87
O4D NAD G . -2.54 -11.98 21.54
C3D NAD G . -3.47 -11.12 23.39
O3D NAD G . -4.69 -11.17 23.89
C2D NAD G . -2.67 -12.40 23.80
O2D NAD G . -3.42 -13.17 24.87
C1D NAD G . -2.60 -13.09 22.73
N1N NAD G . -1.41 -13.94 22.68
C2N NAD G . -1.56 -15.27 22.39
C3N NAD G . -0.44 -16.10 22.35
C7N NAD G . -0.62 -17.57 22.02
O7N NAD G . 0.31 -18.33 22.11
N7N NAD G . -1.92 -18.06 21.58
C4N NAD G . 0.80 -15.60 22.58
C5N NAD G . 0.94 -14.26 22.86
C6N NAD G . -0.18 -13.43 22.91
#